data_2H9R
#
_entry.id   2H9R
#
loop_
_entity.id
_entity.type
_entity.pdbx_description
1 polymer 'cAMP-dependent protein kinase type II-alpha regulatory subunit'
2 polymer '22-mer from A-kinase anchor protein 5'
#
loop_
_entity_poly.entity_id
_entity_poly.type
_entity_poly.pdbx_seq_one_letter_code
_entity_poly.pdbx_strand_id
1 'polypeptide(L)' HMGHIQIPPGLTELLQGYTVEVLRQQPPDLVDFAVEYFTRLREARR A,B
2 'polypeptide(L)' LLIETASSLVKNAIQLSIEQLV C
#
# COMPACT_ATOMS: atom_id res chain seq x y z
N HIS A 1 18.03 -17.41 -18.54
CA HIS A 1 16.92 -16.62 -17.94
C HIS A 1 17.30 -15.15 -17.86
N MET A 2 17.05 -14.40 -18.90
CA MET A 2 17.40 -12.95 -18.89
C MET A 2 16.45 -12.17 -19.79
N GLY A 3 15.75 -11.21 -19.26
CA GLY A 3 14.81 -10.41 -20.10
C GLY A 3 13.37 -10.77 -19.74
N HIS A 4 12.99 -10.59 -18.50
CA HIS A 4 11.61 -10.91 -18.09
C HIS A 4 11.27 -10.24 -16.76
N ILE A 5 10.01 -10.05 -16.47
CA ILE A 5 9.62 -9.39 -15.20
C ILE A 5 9.16 -10.44 -14.18
N GLN A 6 9.26 -10.14 -12.91
CA GLN A 6 8.82 -11.12 -11.88
C GLN A 6 7.99 -10.41 -10.80
N ILE A 7 6.71 -10.62 -10.81
CA ILE A 7 5.84 -9.98 -9.78
C ILE A 7 5.48 -10.99 -8.68
N PRO A 8 6.06 -10.81 -7.51
CA PRO A 8 5.77 -11.73 -6.39
C PRO A 8 4.34 -11.54 -5.87
N PRO A 9 3.62 -12.63 -5.72
CA PRO A 9 2.22 -12.55 -5.24
C PRO A 9 2.20 -12.25 -3.74
N GLY A 10 1.13 -11.68 -3.25
CA GLY A 10 1.05 -11.38 -1.80
C GLY A 10 0.83 -9.87 -1.60
N LEU A 11 1.22 -9.08 -2.56
CA LEU A 11 1.03 -7.60 -2.44
C LEU A 11 -0.44 -7.24 -2.68
N THR A 12 -1.16 -8.09 -3.35
CA THR A 12 -2.60 -7.78 -3.62
C THR A 12 -3.43 -7.97 -2.35
N GLU A 13 -3.10 -8.95 -1.56
CA GLU A 13 -3.87 -9.19 -0.30
C GLU A 13 -3.36 -8.27 0.80
N LEU A 14 -2.07 -8.18 0.98
CA LEU A 14 -1.52 -7.29 2.04
C LEU A 14 -2.07 -5.87 1.88
N LEU A 15 -2.16 -5.39 0.66
CA LEU A 15 -2.70 -4.02 0.44
C LEU A 15 -4.20 -4.00 0.69
N GLN A 16 -4.89 -5.04 0.31
CA GLN A 16 -6.36 -5.09 0.53
C GLN A 16 -6.67 -5.08 2.03
N GLY A 17 -5.84 -5.69 2.82
CA GLY A 17 -6.08 -5.72 4.30
C GLY A 17 -5.93 -4.31 4.85
N TYR A 18 -4.89 -3.62 4.46
CA TYR A 18 -4.68 -2.23 4.95
C TYR A 18 -5.84 -1.33 4.48
N THR A 19 -6.17 -1.41 3.22
CA THR A 19 -7.29 -0.57 2.70
C THR A 19 -8.57 -0.85 3.50
N VAL A 20 -8.70 -2.03 4.04
CA VAL A 20 -9.92 -2.36 4.82
C VAL A 20 -9.90 -1.67 6.19
N GLU A 21 -9.07 -2.15 7.08
CA GLU A 21 -8.99 -1.53 8.45
C GLU A 21 -8.96 0.00 8.37
N VAL A 22 -8.17 0.54 7.48
CA VAL A 22 -8.10 2.03 7.36
C VAL A 22 -9.51 2.61 7.14
N LEU A 23 -10.24 2.09 6.20
CA LEU A 23 -11.60 2.61 5.93
C LEU A 23 -12.60 2.08 6.98
N ARG A 24 -12.17 1.24 7.87
CA ARG A 24 -13.11 0.71 8.90
C ARG A 24 -12.81 1.33 10.27
N GLN A 25 -11.59 1.27 10.71
CA GLN A 25 -11.24 1.86 12.03
C GLN A 25 -11.08 3.38 11.90
N GLN A 26 -10.78 3.85 10.72
CA GLN A 26 -10.63 5.33 10.53
C GLN A 26 -9.64 5.89 11.56
N PRO A 27 -8.39 5.57 11.38
CA PRO A 27 -7.34 6.05 12.32
C PRO A 27 -7.12 7.56 12.14
N PRO A 28 -6.55 8.17 13.16
CA PRO A 28 -6.29 9.64 13.09
C PRO A 28 -5.16 9.93 12.11
N ASP A 29 -4.24 9.02 11.96
CA ASP A 29 -3.11 9.24 11.00
C ASP A 29 -2.79 7.96 10.25
N LEU A 30 -2.97 7.95 8.95
CA LEU A 30 -2.68 6.72 8.17
C LEU A 30 -1.17 6.45 8.18
N VAL A 31 -0.37 7.48 8.09
CA VAL A 31 1.11 7.28 8.10
C VAL A 31 1.52 6.48 9.34
N ASP A 32 1.35 7.08 10.49
CA ASP A 32 1.73 6.36 11.74
C ASP A 32 0.97 5.03 11.84
N PHE A 33 -0.24 5.00 11.35
CA PHE A 33 -1.02 3.73 11.40
C PHE A 33 -0.33 2.67 10.53
N ALA A 34 0.03 3.03 9.32
CA ALA A 34 0.71 2.07 8.43
C ALA A 34 1.91 1.44 9.14
N VAL A 35 2.55 2.18 10.00
CA VAL A 35 3.73 1.63 10.73
C VAL A 35 3.27 0.65 11.82
N GLU A 36 2.20 0.94 12.49
CA GLU A 36 1.71 0.03 13.56
C GLU A 36 1.11 -1.24 12.96
N TYR A 37 0.52 -1.13 11.80
CA TYR A 37 -0.09 -2.33 11.15
C TYR A 37 1.00 -3.27 10.62
N PHE A 38 1.70 -2.85 9.59
CA PHE A 38 2.77 -3.72 9.02
C PHE A 38 3.70 -4.23 10.11
N THR A 39 4.18 -3.35 10.95
CA THR A 39 5.11 -3.79 12.04
C THR A 39 4.46 -4.94 12.83
N ARG A 40 3.19 -4.85 13.09
CA ARG A 40 2.52 -5.95 13.85
C ARG A 40 2.32 -7.16 12.93
N LEU A 41 2.22 -6.94 11.65
CA LEU A 41 2.05 -8.08 10.71
C LEU A 41 3.21 -9.07 10.87
N ARG A 42 4.37 -8.57 11.18
CA ARG A 42 5.55 -9.48 11.35
C ARG A 42 5.22 -10.60 12.34
N GLU A 43 4.58 -10.27 13.42
CA GLU A 43 4.22 -11.31 14.43
C GLU A 43 3.05 -12.16 13.94
N ALA A 44 2.17 -11.58 13.16
CA ALA A 44 1.00 -12.35 12.66
C ALA A 44 1.46 -13.60 11.90
N ARG A 45 1.93 -13.41 10.69
CA ARG A 45 2.39 -14.57 9.88
C ARG A 45 3.33 -15.46 10.68
N ARG A 46 3.45 -16.71 10.31
CA ARG A 46 4.36 -17.62 11.06
C ARG A 46 4.04 -17.60 12.55
N HIS B 1 -22.69 12.33 -2.99
CA HIS B 1 -23.58 13.40 -2.48
C HIS B 1 -24.41 12.87 -1.30
N MET B 2 -25.44 12.12 -1.56
CA MET B 2 -26.28 11.58 -0.46
C MET B 2 -25.45 10.66 0.44
N GLY B 3 -25.85 10.50 1.67
CA GLY B 3 -25.08 9.61 2.59
C GLY B 3 -24.35 10.47 3.63
N HIS B 4 -23.05 10.34 3.71
CA HIS B 4 -22.29 11.14 4.69
C HIS B 4 -20.80 11.10 4.36
N ILE B 5 -20.19 9.96 4.47
CA ILE B 5 -18.73 9.86 4.15
C ILE B 5 -18.51 8.92 2.96
N GLN B 6 -17.49 9.16 2.18
CA GLN B 6 -17.23 8.29 1.01
C GLN B 6 -15.73 7.99 0.89
N ILE B 7 -15.34 7.23 -0.10
CA ILE B 7 -13.90 6.89 -0.26
C ILE B 7 -13.05 8.18 -0.29
N PRO B 8 -12.28 8.39 0.76
CA PRO B 8 -11.43 9.60 0.84
C PRO B 8 -10.23 9.47 -0.11
N PRO B 9 -9.96 10.54 -0.84
CA PRO B 9 -8.82 10.53 -1.78
C PRO B 9 -7.50 10.69 -1.04
N GLY B 10 -6.39 10.40 -1.69
CA GLY B 10 -5.07 10.54 -1.01
C GLY B 10 -4.49 9.16 -0.73
N LEU B 11 -5.31 8.16 -0.60
CA LEU B 11 -4.79 6.79 -0.33
C LEU B 11 -4.29 6.15 -1.62
N THR B 12 -4.84 6.54 -2.73
CA THR B 12 -4.38 5.95 -4.03
C THR B 12 -2.96 6.38 -4.35
N GLU B 13 -2.61 7.60 -4.04
CA GLU B 13 -1.23 8.08 -4.32
C GLU B 13 -0.24 7.46 -3.32
N LEU B 14 -0.62 7.35 -2.08
CA LEU B 14 0.30 6.76 -1.07
C LEU B 14 0.59 5.29 -1.43
N LEU B 15 -0.40 4.59 -1.92
CA LEU B 15 -0.18 3.17 -2.29
C LEU B 15 0.66 3.07 -3.56
N GLN B 16 0.30 3.81 -4.57
CA GLN B 16 1.08 3.77 -5.84
C GLN B 16 2.56 4.09 -5.56
N GLY B 17 2.81 5.00 -4.66
CA GLY B 17 4.22 5.36 -4.33
C GLY B 17 4.92 4.13 -3.76
N TYR B 18 4.24 3.38 -2.94
CA TYR B 18 4.87 2.16 -2.35
C TYR B 18 5.01 1.08 -3.43
N THR B 19 3.94 0.75 -4.10
CA THR B 19 4.02 -0.29 -5.16
C THR B 19 5.15 0.04 -6.14
N VAL B 20 5.49 1.30 -6.27
CA VAL B 20 6.60 1.68 -7.20
C VAL B 20 7.95 1.29 -6.58
N GLU B 21 8.40 2.03 -5.61
CA GLU B 21 9.72 1.72 -4.97
C GLU B 21 9.81 0.23 -4.62
N VAL B 22 8.75 -0.35 -4.13
CA VAL B 22 8.78 -1.80 -3.78
C VAL B 22 9.19 -2.63 -5.00
N LEU B 23 8.63 -2.33 -6.14
CA LEU B 23 8.99 -3.10 -7.36
C LEU B 23 10.39 -2.72 -7.85
N ARG B 24 10.83 -1.53 -7.54
CA ARG B 24 12.18 -1.10 -8.00
C ARG B 24 13.26 -1.58 -7.01
N GLN B 25 13.12 -1.24 -5.76
CA GLN B 25 14.13 -1.68 -4.75
C GLN B 25 14.11 -3.19 -4.59
N GLN B 26 13.03 -3.83 -4.98
CA GLN B 26 12.91 -5.34 -4.86
C GLN B 26 13.59 -5.85 -3.59
N PRO B 27 13.18 -5.31 -2.47
CA PRO B 27 13.76 -5.73 -1.17
C PRO B 27 13.36 -7.17 -0.83
N PRO B 28 14.20 -7.84 -0.08
CA PRO B 28 13.92 -9.24 0.31
C PRO B 28 12.77 -9.30 1.32
N ASP B 29 12.41 -8.18 1.90
CA ASP B 29 11.30 -8.18 2.89
C ASP B 29 10.40 -6.97 2.68
N LEU B 30 9.19 -7.20 2.22
CA LEU B 30 8.26 -6.06 2.00
C LEU B 30 7.70 -5.59 3.33
N VAL B 31 7.50 -6.49 4.25
CA VAL B 31 6.97 -6.11 5.59
C VAL B 31 7.95 -5.15 6.28
N ASP B 32 9.20 -5.53 6.31
CA ASP B 32 10.22 -4.66 6.96
C ASP B 32 10.42 -3.39 6.13
N PHE B 33 10.23 -3.47 4.84
CA PHE B 33 10.39 -2.27 3.98
C PHE B 33 9.22 -1.32 4.21
N ALA B 34 8.04 -1.85 4.35
CA ALA B 34 6.84 -0.98 4.58
C ALA B 34 6.97 -0.29 5.94
N VAL B 35 7.48 -0.97 6.93
CA VAL B 35 7.63 -0.36 8.28
C VAL B 35 8.78 0.64 8.27
N GLU B 36 9.80 0.38 7.50
CA GLU B 36 10.97 1.31 7.44
C GLU B 36 10.63 2.50 6.53
N TYR B 37 9.80 2.29 5.53
CA TYR B 37 9.44 3.41 4.62
C TYR B 37 8.43 4.34 5.29
N PHE B 38 7.25 3.85 5.59
CA PHE B 38 6.22 4.71 6.25
C PHE B 38 6.81 5.39 7.49
N THR B 39 7.42 4.62 8.35
CA THR B 39 8.00 5.23 9.59
C THR B 39 8.94 6.38 9.21
N ARG B 40 9.71 6.23 8.17
CA ARG B 40 10.63 7.33 7.76
C ARG B 40 9.83 8.48 7.13
N LEU B 41 8.67 8.18 6.60
CA LEU B 41 7.85 9.25 5.98
C LEU B 41 7.55 10.35 7.00
N ARG B 42 6.98 9.98 8.13
CA ARG B 42 6.66 11.01 9.17
C ARG B 42 7.89 11.88 9.46
N GLU B 43 9.06 11.32 9.43
CA GLU B 43 10.28 12.12 9.70
C GLU B 43 10.63 12.99 8.50
N ALA B 44 10.15 12.63 7.34
CA ALA B 44 10.45 13.44 6.12
C ALA B 44 9.72 14.78 6.18
N ARG B 45 8.42 14.74 6.05
CA ARG B 45 7.63 15.99 6.07
C ARG B 45 8.01 16.86 7.27
N ARG B 46 8.42 16.24 8.35
CA ARG B 46 8.82 17.02 9.55
C ARG B 46 7.70 17.98 9.96
N LEU C 1 -20.00 0.33 -2.96
CA LEU C 1 -19.38 -0.69 -2.05
C LEU C 1 -17.97 -0.25 -1.64
N LEU C 2 -17.19 -1.15 -1.13
CA LEU C 2 -15.81 -0.79 -0.71
C LEU C 2 -14.80 -1.79 -1.30
N ILE C 3 -15.10 -3.05 -1.25
CA ILE C 3 -14.17 -4.07 -1.79
C ILE C 3 -14.00 -3.86 -3.31
N GLU C 4 -14.95 -3.24 -3.95
CA GLU C 4 -14.84 -3.02 -5.41
C GLU C 4 -13.91 -1.84 -5.71
N THR C 5 -13.87 -0.87 -4.84
CA THR C 5 -12.99 0.31 -5.07
C THR C 5 -11.52 -0.07 -4.78
N ALA C 6 -11.30 -0.92 -3.83
CA ALA C 6 -9.90 -1.34 -3.51
C ALA C 6 -9.39 -2.35 -4.53
N SER C 7 -10.24 -3.24 -4.97
CA SER C 7 -9.80 -4.26 -5.97
C SER C 7 -9.14 -3.57 -7.18
N SER C 8 -9.91 -2.87 -7.97
CA SER C 8 -9.32 -2.17 -9.15
C SER C 8 -8.24 -1.19 -8.70
N LEU C 9 -8.32 -0.73 -7.48
CA LEU C 9 -7.29 0.24 -6.99
C LEU C 9 -5.88 -0.31 -7.23
N VAL C 10 -5.66 -1.57 -6.96
CA VAL C 10 -4.31 -2.15 -7.17
C VAL C 10 -4.02 -2.30 -8.66
N LYS C 11 -5.04 -2.50 -9.46
CA LYS C 11 -4.82 -2.66 -10.93
C LYS C 11 -4.30 -1.34 -11.53
N ASN C 12 -4.94 -0.26 -11.22
CA ASN C 12 -4.49 1.06 -11.78
C ASN C 12 -3.11 1.42 -11.23
N ALA C 13 -2.79 0.94 -10.06
CA ALA C 13 -1.46 1.27 -9.46
C ALA C 13 -0.35 0.53 -10.22
N ILE C 14 -0.57 -0.70 -10.57
CA ILE C 14 0.48 -1.47 -11.32
C ILE C 14 0.69 -0.86 -12.70
N GLN C 15 -0.38 -0.59 -13.41
CA GLN C 15 -0.24 -0.01 -14.78
C GLN C 15 0.53 1.32 -14.71
N LEU C 16 0.03 2.26 -13.96
CA LEU C 16 0.73 3.58 -13.84
C LEU C 16 2.04 3.41 -13.07
N SER C 17 2.97 2.69 -13.63
CA SER C 17 4.28 2.49 -12.92
C SER C 17 5.24 1.72 -13.83
N ILE C 18 4.87 0.55 -14.25
CA ILE C 18 5.77 -0.25 -15.13
C ILE C 18 5.67 0.23 -16.58
N GLU C 19 4.60 0.90 -16.92
CA GLU C 19 4.46 1.40 -18.31
C GLU C 19 5.46 2.54 -18.55
N GLN C 20 6.72 2.25 -18.48
CA GLN C 20 7.74 3.32 -18.67
C GLN C 20 7.49 4.45 -17.67
N LEU C 21 6.87 4.13 -16.56
CA LEU C 21 6.58 5.17 -15.53
C LEU C 21 5.76 6.30 -16.17
N VAL C 22 4.73 5.96 -16.89
CA VAL C 22 3.88 7.00 -17.53
C VAL C 22 2.72 7.38 -16.62
N HIS A 1 10.62 -14.46 -24.21
CA HIS A 1 10.64 -15.95 -24.36
C HIS A 1 11.22 -16.60 -23.10
N MET A 2 12.19 -15.97 -22.48
CA MET A 2 12.79 -16.55 -21.25
C MET A 2 12.20 -15.87 -20.01
N GLY A 3 10.93 -15.62 -20.02
CA GLY A 3 10.29 -14.96 -18.84
C GLY A 3 10.64 -13.47 -18.84
N HIS A 4 9.67 -12.62 -19.10
CA HIS A 4 9.95 -11.16 -19.13
C HIS A 4 9.09 -10.44 -18.09
N ILE A 5 8.72 -11.12 -17.04
CA ILE A 5 7.88 -10.47 -15.99
C ILE A 5 8.51 -10.67 -14.60
N GLN A 6 8.26 -9.75 -13.69
CA GLN A 6 8.84 -9.89 -12.33
C GLN A 6 7.88 -9.30 -11.30
N ILE A 7 6.71 -9.87 -11.16
CA ILE A 7 5.74 -9.35 -10.17
C ILE A 7 5.50 -10.38 -9.05
N PRO A 8 6.09 -10.13 -7.90
CA PRO A 8 5.94 -11.05 -6.75
C PRO A 8 4.51 -10.95 -6.17
N PRO A 9 3.83 -12.08 -6.11
CA PRO A 9 2.45 -12.10 -5.56
C PRO A 9 2.48 -11.91 -4.04
N GLY A 10 1.39 -11.46 -3.47
CA GLY A 10 1.35 -11.26 -1.99
C GLY A 10 1.34 -9.76 -1.68
N LEU A 11 1.87 -8.95 -2.55
CA LEU A 11 1.89 -7.49 -2.30
C LEU A 11 0.47 -6.91 -2.37
N THR A 12 -0.42 -7.59 -3.06
CA THR A 12 -1.81 -7.08 -3.16
C THR A 12 -2.57 -7.35 -1.86
N GLU A 13 -2.55 -8.58 -1.40
CA GLU A 13 -3.27 -8.91 -0.15
C GLU A 13 -2.77 -8.04 1.01
N LEU A 14 -1.53 -7.66 0.98
CA LEU A 14 -0.97 -6.81 2.08
C LEU A 14 -1.52 -5.39 1.97
N LEU A 15 -1.61 -4.87 0.77
CA LEU A 15 -2.14 -3.49 0.60
C LEU A 15 -3.66 -3.48 0.73
N GLN A 16 -4.34 -4.31 -0.02
CA GLN A 16 -5.83 -4.34 0.06
C GLN A 16 -6.27 -4.50 1.52
N GLY A 17 -5.64 -5.37 2.25
CA GLY A 17 -6.03 -5.57 3.68
C GLY A 17 -5.89 -4.23 4.41
N TYR A 18 -4.79 -3.57 4.25
CA TYR A 18 -4.59 -2.25 4.93
C TYR A 18 -5.67 -1.27 4.46
N THR A 19 -5.88 -1.18 3.18
CA THR A 19 -6.91 -0.24 2.65
C THR A 19 -8.28 -0.55 3.28
N VAL A 20 -8.56 -1.81 3.52
CA VAL A 20 -9.87 -2.17 4.14
C VAL A 20 -9.94 -1.66 5.58
N GLU A 21 -9.21 -2.26 6.47
CA GLU A 21 -9.23 -1.82 7.90
C GLU A 21 -9.12 -0.30 8.02
N VAL A 22 -8.17 0.32 7.36
CA VAL A 22 -8.04 1.80 7.45
C VAL A 22 -9.38 2.48 7.19
N LEU A 23 -10.09 2.05 6.19
CA LEU A 23 -11.41 2.67 5.88
C LEU A 23 -12.45 2.26 6.92
N ARG A 24 -12.26 1.13 7.55
CA ARG A 24 -13.24 0.67 8.57
C ARG A 24 -13.05 1.44 9.87
N GLN A 25 -11.97 1.23 10.57
CA GLN A 25 -11.75 1.96 11.85
C GLN A 25 -11.42 3.42 11.57
N GLN A 26 -10.74 3.70 10.49
CA GLN A 26 -10.39 5.11 10.16
C GLN A 26 -9.70 5.78 11.36
N PRO A 27 -8.42 5.52 11.49
CA PRO A 27 -7.65 6.11 12.62
C PRO A 27 -7.45 7.62 12.40
N PRO A 28 -7.11 8.30 13.47
CA PRO A 28 -6.87 9.77 13.37
C PRO A 28 -5.59 10.04 12.59
N ASP A 29 -4.68 9.12 12.60
CA ASP A 29 -3.40 9.32 11.86
C ASP A 29 -2.99 8.02 11.17
N LEU A 30 -3.03 8.00 9.86
CA LEU A 30 -2.66 6.76 9.13
C LEU A 30 -1.14 6.57 9.14
N VAL A 31 -0.39 7.64 9.13
CA VAL A 31 1.09 7.52 9.15
C VAL A 31 1.53 6.59 10.29
N ASP A 32 1.10 6.90 11.48
CA ASP A 32 1.48 6.06 12.65
C ASP A 32 0.85 4.67 12.52
N PHE A 33 -0.40 4.60 12.15
CA PHE A 33 -1.05 3.27 12.00
C PHE A 33 -0.29 2.43 10.99
N ALA A 34 -0.01 2.98 9.84
CA ALA A 34 0.73 2.22 8.79
C ALA A 34 2.00 1.58 9.39
N VAL A 35 2.67 2.29 10.26
CA VAL A 35 3.91 1.73 10.87
C VAL A 35 3.55 0.66 11.90
N GLU A 36 2.51 0.87 12.66
CA GLU A 36 2.11 -0.13 13.69
C GLU A 36 1.47 -1.36 13.03
N TYR A 37 0.99 -1.22 11.82
CA TYR A 37 0.36 -2.37 11.13
C TYR A 37 1.43 -3.36 10.63
N PHE A 38 2.31 -2.91 9.79
CA PHE A 38 3.38 -3.80 9.26
C PHE A 38 4.35 -4.20 10.39
N THR A 39 4.82 -3.25 11.14
CA THR A 39 5.77 -3.57 12.25
C THR A 39 5.20 -4.70 13.12
N ARG A 40 3.94 -4.66 13.40
CA ARG A 40 3.33 -5.73 14.24
C ARG A 40 3.27 -7.05 13.45
N LEU A 41 3.23 -6.97 12.15
CA LEU A 41 3.18 -8.21 11.33
C LEU A 41 4.44 -9.05 11.56
N ARG A 42 5.55 -8.40 11.78
CA ARG A 42 6.82 -9.15 12.01
C ARG A 42 6.64 -10.15 13.16
N GLU A 43 5.90 -9.77 14.17
CA GLU A 43 5.69 -10.69 15.33
C GLU A 43 4.54 -11.67 15.03
N ALA A 44 3.63 -11.28 14.18
CA ALA A 44 2.49 -12.18 13.86
C ALA A 44 3.00 -13.52 13.32
N ARG A 45 3.39 -13.55 12.08
CA ARG A 45 3.90 -14.80 11.46
C ARG A 45 3.01 -15.99 11.81
N ARG A 46 3.56 -17.17 11.83
CA ARG A 46 2.74 -18.38 12.17
C ARG A 46 3.28 -19.04 13.44
N HIS B 1 -29.77 14.53 -3.74
CA HIS B 1 -29.19 13.20 -4.10
C HIS B 1 -29.84 12.10 -3.27
N MET B 2 -29.26 10.92 -3.27
CA MET B 2 -29.85 9.80 -2.48
C MET B 2 -28.76 9.07 -1.70
N GLY B 3 -27.82 8.48 -2.40
CA GLY B 3 -26.73 7.74 -1.69
C GLY B 3 -25.45 8.58 -1.71
N HIS B 4 -24.33 7.97 -1.42
CA HIS B 4 -23.04 8.74 -1.40
C HIS B 4 -21.86 7.77 -1.30
N ILE B 5 -20.68 8.29 -1.14
CA ILE B 5 -19.48 7.39 -1.02
C ILE B 5 -18.72 7.69 0.28
N GLN B 6 -17.85 6.80 0.67
CA GLN B 6 -17.08 7.03 1.92
C GLN B 6 -15.61 6.61 1.73
N ILE B 7 -14.83 7.45 1.10
CA ILE B 7 -13.39 7.10 0.88
C ILE B 7 -12.52 8.36 0.94
N PRO B 8 -11.75 8.49 1.99
CA PRO B 8 -10.87 9.68 2.15
C PRO B 8 -9.69 9.59 1.16
N PRO B 9 -9.50 10.64 0.39
CA PRO B 9 -8.39 10.65 -0.59
C PRO B 9 -7.04 10.81 0.13
N GLY B 10 -5.96 10.80 -0.60
CA GLY B 10 -4.63 10.95 0.05
C GLY B 10 -3.98 9.58 0.20
N LEU B 11 -4.75 8.59 0.57
CA LEU B 11 -4.18 7.22 0.74
C LEU B 11 -3.65 6.69 -0.60
N THR B 12 -4.15 7.20 -1.68
CA THR B 12 -3.66 6.73 -3.02
C THR B 12 -2.18 7.06 -3.18
N GLU B 13 -1.84 8.31 -3.15
CA GLU B 13 -0.40 8.71 -3.31
C GLU B 13 0.47 7.94 -2.32
N LEU B 14 -0.05 7.63 -1.16
CA LEU B 14 0.75 6.88 -0.16
C LEU B 14 1.03 5.47 -0.65
N LEU B 15 0.02 4.71 -0.96
CA LEU B 15 0.24 3.31 -1.45
C LEU B 15 0.95 3.34 -2.80
N GLN B 16 0.46 4.12 -3.73
CA GLN B 16 1.11 4.19 -5.07
C GLN B 16 2.61 4.45 -4.91
N GLY B 17 2.97 5.42 -4.10
CA GLY B 17 4.42 5.72 -3.90
C GLY B 17 5.13 4.44 -3.46
N TYR B 18 4.53 3.70 -2.57
CA TYR B 18 5.17 2.44 -2.10
C TYR B 18 5.26 1.44 -3.26
N THR B 19 4.21 1.31 -4.02
CA THR B 19 4.23 0.37 -5.17
C THR B 19 5.36 0.75 -6.14
N VAL B 20 5.75 1.99 -6.12
CA VAL B 20 6.85 2.45 -7.04
C VAL B 20 8.21 2.01 -6.51
N GLU B 21 8.69 2.66 -5.47
CA GLU B 21 10.02 2.31 -4.90
C GLU B 21 10.18 0.79 -4.76
N VAL B 22 9.18 0.11 -4.26
CA VAL B 22 9.29 -1.38 -4.11
C VAL B 22 9.56 -2.01 -5.48
N LEU B 23 8.80 -1.62 -6.47
CA LEU B 23 9.01 -2.20 -7.83
C LEU B 23 10.29 -1.64 -8.45
N ARG B 24 10.77 -0.53 -7.95
CA ARG B 24 12.02 0.06 -8.50
C ARG B 24 13.25 -0.64 -7.92
N GLN B 25 13.40 -0.62 -6.62
CA GLN B 25 14.58 -1.28 -6.00
C GLN B 25 14.27 -2.73 -5.67
N GLN B 26 13.02 -3.08 -5.51
CA GLN B 26 12.65 -4.49 -5.20
C GLN B 26 13.52 -5.03 -4.04
N PRO B 27 13.13 -4.70 -2.84
CA PRO B 27 13.90 -5.16 -1.65
C PRO B 27 13.67 -6.67 -1.41
N PRO B 28 14.50 -7.24 -0.58
CA PRO B 28 14.37 -8.68 -0.26
C PRO B 28 13.12 -8.94 0.58
N ASP B 29 12.93 -8.18 1.62
CA ASP B 29 11.72 -8.37 2.48
C ASP B 29 10.87 -7.10 2.49
N LEU B 30 9.68 -7.17 1.98
CA LEU B 30 8.80 -5.96 1.95
C LEU B 30 8.33 -5.61 3.37
N VAL B 31 8.20 -6.59 4.23
CA VAL B 31 7.75 -6.31 5.62
C VAL B 31 8.58 -5.17 6.23
N ASP B 32 9.84 -5.39 6.42
CA ASP B 32 10.72 -4.33 6.99
C ASP B 32 10.64 -3.07 6.13
N PHE B 33 10.73 -3.21 4.83
CA PHE B 33 10.65 -2.01 3.95
C PHE B 33 9.36 -1.24 4.23
N ALA B 34 8.26 -1.94 4.30
CA ALA B 34 6.97 -1.25 4.58
C ALA B 34 7.06 -0.46 5.88
N VAL B 35 7.71 -1.02 6.88
CA VAL B 35 7.84 -0.30 8.17
C VAL B 35 8.93 0.77 8.06
N GLU B 36 10.05 0.43 7.49
CA GLU B 36 11.15 1.43 7.34
C GLU B 36 10.65 2.60 6.48
N TYR B 37 9.84 2.31 5.49
CA TYR B 37 9.31 3.40 4.61
C TYR B 37 8.34 4.29 5.39
N PHE B 38 7.28 3.72 5.90
CA PHE B 38 6.30 4.54 6.67
C PHE B 38 6.95 5.11 7.94
N THR B 39 7.61 4.29 8.71
CA THR B 39 8.25 4.80 9.95
C THR B 39 9.12 6.02 9.64
N ARG B 40 9.63 6.10 8.43
CA ARG B 40 10.47 7.26 8.05
C ARG B 40 9.59 8.49 7.82
N LEU B 41 8.42 8.29 7.28
CA LEU B 41 7.50 9.45 7.03
C LEU B 41 7.16 10.14 8.35
N ARG B 42 7.17 9.42 9.44
CA ARG B 42 6.84 10.04 10.75
C ARG B 42 7.98 10.97 11.20
N GLU B 43 9.18 10.67 10.79
CA GLU B 43 10.34 11.53 11.20
C GLU B 43 10.78 12.42 10.03
N ALA B 44 9.99 12.51 9.00
CA ALA B 44 10.38 13.36 7.83
C ALA B 44 9.35 14.46 7.60
N ARG B 45 8.19 14.08 7.14
CA ARG B 45 7.13 15.09 6.87
C ARG B 45 6.94 16.02 8.08
N ARG B 46 7.46 17.21 8.00
CA ARG B 46 7.30 18.16 9.15
C ARG B 46 7.77 19.56 8.74
N LEU C 1 -18.20 1.51 -2.50
CA LEU C 1 -18.55 0.25 -1.77
C LEU C 1 -17.27 -0.48 -1.32
N LEU C 2 -16.15 0.19 -1.34
CA LEU C 2 -14.87 -0.46 -0.91
C LEU C 2 -14.51 -1.61 -1.86
N ILE C 3 -15.22 -2.70 -1.77
CA ILE C 3 -14.91 -3.87 -2.66
C ILE C 3 -14.95 -3.43 -4.13
N GLU C 4 -15.66 -2.38 -4.42
CA GLU C 4 -15.73 -1.91 -5.84
C GLU C 4 -14.84 -0.68 -6.05
N THR C 5 -13.89 -0.48 -5.18
CA THR C 5 -12.98 0.71 -5.34
C THR C 5 -11.54 0.30 -5.04
N ALA C 6 -11.31 -0.39 -3.96
CA ALA C 6 -9.93 -0.82 -3.62
C ALA C 6 -9.37 -1.73 -4.71
N SER C 7 -10.21 -2.55 -5.29
CA SER C 7 -9.73 -3.46 -6.37
C SER C 7 -9.18 -2.65 -7.55
N SER C 8 -9.90 -1.63 -7.95
CA SER C 8 -9.42 -0.80 -9.09
C SER C 8 -8.22 0.04 -8.66
N LEU C 9 -8.14 0.39 -7.40
CA LEU C 9 -6.98 1.20 -6.92
C LEU C 9 -5.70 0.37 -6.96
N VAL C 10 -5.65 -0.69 -6.20
CA VAL C 10 -4.42 -1.54 -6.20
C VAL C 10 -4.07 -1.96 -7.63
N LYS C 11 -5.04 -2.06 -8.49
CA LYS C 11 -4.77 -2.47 -9.90
C LYS C 11 -4.01 -1.36 -10.63
N ASN C 12 -4.36 -0.12 -10.39
CA ASN C 12 -3.66 1.00 -11.07
C ASN C 12 -2.35 1.33 -10.36
N ALA C 13 -2.27 1.03 -9.09
CA ALA C 13 -1.01 1.32 -8.34
C ALA C 13 0.10 0.38 -8.80
N ILE C 14 -0.24 -0.80 -9.23
CA ILE C 14 0.80 -1.76 -9.70
C ILE C 14 1.10 -1.53 -11.18
N GLN C 15 0.09 -1.31 -11.98
CA GLN C 15 0.32 -1.08 -13.43
C GLN C 15 1.07 0.24 -13.65
N LEU C 16 0.38 1.34 -13.62
CA LEU C 16 1.07 2.66 -13.83
C LEU C 16 1.88 2.62 -15.11
N SER C 17 1.47 1.84 -16.08
CA SER C 17 2.23 1.78 -17.36
C SER C 17 3.71 1.46 -17.08
N ILE C 18 3.98 0.33 -16.50
CA ILE C 18 5.40 -0.03 -16.20
C ILE C 18 6.05 1.07 -15.37
N GLU C 19 5.36 1.64 -14.43
CA GLU C 19 5.96 2.73 -13.61
C GLU C 19 6.54 3.80 -14.55
N GLN C 20 5.72 4.32 -15.44
CA GLN C 20 6.24 5.33 -16.42
C GLN C 20 7.43 4.71 -17.15
N LEU C 21 7.46 3.39 -17.21
CA LEU C 21 8.59 2.69 -17.89
C LEU C 21 9.92 3.28 -17.45
N VAL C 22 10.04 3.57 -16.19
CA VAL C 22 11.30 4.16 -15.63
C VAL C 22 12.52 3.38 -16.13
N HIS A 1 17.00 -16.40 -13.94
CA HIS A 1 17.07 -15.09 -13.24
C HIS A 1 17.83 -14.07 -14.09
N MET A 2 18.20 -12.96 -13.52
CA MET A 2 18.93 -11.92 -14.30
C MET A 2 18.15 -11.57 -15.57
N GLY A 3 17.04 -10.91 -15.42
CA GLY A 3 16.22 -10.54 -16.61
C GLY A 3 15.21 -11.66 -16.92
N HIS A 4 14.90 -12.47 -15.95
CA HIS A 4 13.93 -13.57 -16.17
C HIS A 4 12.74 -13.41 -15.24
N ILE A 5 12.96 -12.92 -14.05
CA ILE A 5 11.84 -12.73 -13.09
C ILE A 5 11.41 -11.26 -13.06
N GLN A 6 10.14 -11.00 -12.92
CA GLN A 6 9.67 -9.59 -12.89
C GLN A 6 8.92 -9.32 -11.59
N ILE A 7 7.97 -8.41 -11.62
CA ILE A 7 7.20 -8.09 -10.38
C ILE A 7 6.74 -9.38 -9.67
N PRO A 8 7.12 -9.51 -8.42
CA PRO A 8 6.74 -10.71 -7.64
C PRO A 8 5.26 -10.66 -7.26
N PRO A 9 4.58 -11.78 -7.41
CA PRO A 9 3.13 -11.83 -7.07
C PRO A 9 2.95 -11.89 -5.55
N GLY A 10 1.85 -11.40 -5.06
CA GLY A 10 1.61 -11.43 -3.58
C GLY A 10 1.41 -10.00 -3.06
N LEU A 11 2.03 -9.05 -3.70
CA LEU A 11 1.88 -7.63 -3.24
C LEU A 11 0.43 -7.17 -3.38
N THR A 12 -0.32 -7.79 -4.25
CA THR A 12 -1.75 -7.40 -4.44
C THR A 12 -2.54 -7.63 -3.15
N GLU A 13 -2.63 -8.85 -2.73
CA GLU A 13 -3.39 -9.14 -1.47
C GLU A 13 -2.84 -8.30 -0.31
N LEU A 14 -1.58 -7.99 -0.35
CA LEU A 14 -0.99 -7.17 0.76
C LEU A 14 -1.46 -5.71 0.64
N LEU A 15 -1.35 -5.13 -0.52
CA LEU A 15 -1.80 -3.72 -0.69
C LEU A 15 -3.33 -3.64 -0.62
N GLN A 16 -4.01 -4.37 -1.47
CA GLN A 16 -5.50 -4.33 -1.44
C GLN A 16 -6.00 -4.66 -0.03
N GLY A 17 -5.40 -5.62 0.61
CA GLY A 17 -5.82 -5.98 1.99
C GLY A 17 -5.76 -4.74 2.88
N TYR A 18 -4.74 -3.94 2.73
CA TYR A 18 -4.63 -2.71 3.56
C TYR A 18 -5.75 -1.73 3.18
N THR A 19 -5.99 -1.57 1.91
CA THR A 19 -7.07 -0.64 1.47
C THR A 19 -8.39 -1.00 2.16
N VAL A 20 -8.56 -2.25 2.48
CA VAL A 20 -9.82 -2.69 3.17
C VAL A 20 -9.79 -2.29 4.64
N GLU A 21 -8.99 -2.97 5.42
CA GLU A 21 -8.91 -2.64 6.89
C GLU A 21 -8.83 -1.13 7.13
N VAL A 22 -8.04 -0.44 6.35
CA VAL A 22 -7.94 1.04 6.54
C VAL A 22 -9.33 1.67 6.44
N LEU A 23 -10.04 1.41 5.38
CA LEU A 23 -11.40 1.98 5.22
C LEU A 23 -12.34 1.38 6.27
N ARG A 24 -12.02 0.20 6.76
CA ARG A 24 -12.90 -0.44 7.78
C ARG A 24 -12.59 0.14 9.17
N GLN A 25 -11.45 -0.18 9.72
CA GLN A 25 -11.09 0.36 11.06
C GLN A 25 -11.17 1.88 11.06
N GLN A 26 -10.82 2.50 9.97
CA GLN A 26 -10.87 3.99 9.91
C GLN A 26 -10.13 4.60 11.11
N PRO A 27 -8.84 4.37 11.16
CA PRO A 27 -8.01 4.90 12.27
C PRO A 27 -7.88 6.42 12.15
N PRO A 28 -7.55 7.06 13.25
CA PRO A 28 -7.38 8.54 13.25
C PRO A 28 -6.11 8.92 12.48
N ASP A 29 -5.18 8.01 12.36
CA ASP A 29 -3.93 8.32 11.62
C ASP A 29 -3.48 7.09 10.83
N LEU A 30 -3.47 7.18 9.54
CA LEU A 30 -3.05 6.02 8.70
C LEU A 30 -1.54 5.79 8.83
N VAL A 31 -0.77 6.84 8.96
CA VAL A 31 0.70 6.67 9.10
C VAL A 31 1.02 5.64 10.19
N ASP A 32 0.58 5.89 11.39
CA ASP A 32 0.83 4.94 12.49
C ASP A 32 0.20 3.57 12.17
N PHE A 33 -1.02 3.57 11.71
CA PHE A 33 -1.67 2.28 11.36
C PHE A 33 -0.81 1.52 10.34
N ALA A 34 -0.41 2.19 9.29
CA ALA A 34 0.44 1.53 8.27
C ALA A 34 1.67 0.92 8.93
N VAL A 35 2.29 1.64 9.83
CA VAL A 35 3.49 1.11 10.52
C VAL A 35 3.09 0.03 11.52
N GLU A 36 1.86 0.05 11.97
CA GLU A 36 1.39 -0.98 12.94
C GLU A 36 1.02 -2.27 12.20
N TYR A 37 0.32 -2.16 11.10
CA TYR A 37 -0.09 -3.37 10.34
C TYR A 37 1.15 -4.13 9.82
N PHE A 38 1.93 -3.50 9.00
CA PHE A 38 3.14 -4.18 8.44
C PHE A 38 4.06 -4.66 9.57
N THR A 39 4.44 -3.78 10.47
CA THR A 39 5.35 -4.20 11.58
C THR A 39 4.82 -5.47 12.25
N ARG A 40 3.54 -5.55 12.46
CA ARG A 40 2.97 -6.77 13.10
C ARG A 40 3.01 -7.94 12.11
N LEU A 41 3.11 -7.65 10.84
CA LEU A 41 3.16 -8.75 9.82
C LEU A 41 4.42 -9.60 10.03
N ARG A 42 5.54 -8.97 10.26
CA ARG A 42 6.81 -9.75 10.47
C ARG A 42 6.57 -10.86 11.49
N GLU A 43 5.61 -10.69 12.37
CA GLU A 43 5.33 -11.73 13.39
C GLU A 43 4.04 -12.46 13.02
N ALA A 44 2.95 -11.73 12.92
CA ALA A 44 1.62 -12.35 12.57
C ALA A 44 1.14 -13.26 13.69
N ARG A 45 1.89 -14.28 13.99
CA ARG A 45 1.47 -15.22 15.07
C ARG A 45 1.16 -14.46 16.36
N ARG A 46 0.58 -15.13 17.32
CA ARG A 46 0.26 -14.45 18.61
C ARG A 46 -0.52 -13.15 18.35
N HIS B 1 -28.79 11.73 2.33
CA HIS B 1 -27.80 11.68 1.22
C HIS B 1 -26.83 10.52 1.42
N MET B 2 -25.71 10.54 0.75
CA MET B 2 -24.72 9.43 0.90
C MET B 2 -23.67 9.81 1.95
N GLY B 3 -24.09 10.29 3.09
CA GLY B 3 -23.12 10.68 4.14
C GLY B 3 -22.31 11.89 3.66
N HIS B 4 -21.57 12.51 4.55
CA HIS B 4 -20.76 13.70 4.14
C HIS B 4 -19.29 13.31 3.94
N ILE B 5 -18.91 12.13 4.35
CA ILE B 5 -17.48 11.71 4.18
C ILE B 5 -17.38 10.59 3.14
N GLN B 6 -16.22 10.42 2.56
CA GLN B 6 -16.06 9.34 1.54
C GLN B 6 -14.60 8.86 1.50
N ILE B 7 -14.24 8.10 0.51
CA ILE B 7 -12.83 7.61 0.42
C ILE B 7 -11.93 8.72 -0.15
N PRO B 8 -11.01 9.18 0.66
CA PRO B 8 -10.09 10.26 0.22
C PRO B 8 -9.08 9.70 -0.81
N PRO B 9 -8.86 10.46 -1.86
CA PRO B 9 -7.91 10.03 -2.91
C PRO B 9 -6.46 10.26 -2.48
N GLY B 10 -6.24 10.73 -1.29
CA GLY B 10 -4.86 10.98 -0.82
C GLY B 10 -4.17 9.65 -0.53
N LEU B 11 -4.93 8.60 -0.34
CA LEU B 11 -4.31 7.26 -0.06
C LEU B 11 -3.85 6.61 -1.37
N THR B 12 -4.33 7.07 -2.48
CA THR B 12 -3.92 6.46 -3.79
C THR B 12 -2.48 6.86 -4.13
N GLU B 13 -2.10 8.06 -3.81
CA GLU B 13 -0.71 8.51 -4.12
C GLU B 13 0.28 7.87 -3.14
N LEU B 14 -0.17 7.51 -1.98
CA LEU B 14 0.74 6.88 -0.98
C LEU B 14 1.06 5.45 -1.39
N LEU B 15 0.06 4.68 -1.73
CA LEU B 15 0.31 3.27 -2.15
C LEU B 15 1.14 3.24 -3.43
N GLN B 16 0.75 3.99 -4.43
CA GLN B 16 1.53 4.00 -5.69
C GLN B 16 2.98 4.38 -5.41
N GLY B 17 3.19 5.35 -4.57
CA GLY B 17 4.58 5.77 -4.24
C GLY B 17 5.36 4.57 -3.69
N TYR B 18 4.77 3.84 -2.78
CA TYR B 18 5.46 2.66 -2.21
C TYR B 18 5.71 1.62 -3.31
N THR B 19 4.84 1.56 -4.28
CA THR B 19 5.02 0.57 -5.38
C THR B 19 6.13 1.02 -6.33
N VAL B 20 6.37 2.29 -6.42
CA VAL B 20 7.44 2.80 -7.33
C VAL B 20 8.82 2.61 -6.67
N GLU B 21 8.85 2.45 -5.36
CA GLU B 21 10.16 2.25 -4.67
C GLU B 21 10.52 0.77 -4.70
N VAL B 22 9.57 -0.05 -4.38
CA VAL B 22 9.82 -1.53 -4.38
C VAL B 22 10.16 -2.01 -5.79
N LEU B 23 9.71 -1.30 -6.79
CA LEU B 23 10.03 -1.71 -8.19
C LEU B 23 11.39 -1.17 -8.61
N ARG B 24 11.77 -0.03 -8.09
CA ARG B 24 13.10 0.55 -8.46
C ARG B 24 14.20 0.00 -7.53
N GLN B 25 13.91 -0.12 -6.27
CA GLN B 25 14.93 -0.64 -5.32
C GLN B 25 14.86 -2.16 -5.24
N GLN B 26 13.68 -2.72 -5.23
CA GLN B 26 13.55 -4.21 -5.16
C GLN B 26 14.36 -4.75 -3.98
N PRO B 27 13.92 -4.43 -2.79
CA PRO B 27 14.61 -4.90 -1.57
C PRO B 27 14.41 -6.41 -1.37
N PRO B 28 15.18 -6.97 -0.48
CA PRO B 28 15.07 -8.44 -0.20
C PRO B 28 13.77 -8.73 0.55
N ASP B 29 13.41 -7.91 1.49
CA ASP B 29 12.15 -8.14 2.26
C ASP B 29 11.24 -6.93 2.17
N LEU B 30 10.06 -7.09 1.65
CA LEU B 30 9.12 -5.93 1.55
C LEU B 30 8.48 -5.65 2.90
N VAL B 31 8.28 -6.67 3.70
CA VAL B 31 7.66 -6.47 5.04
C VAL B 31 8.43 -5.39 5.81
N ASP B 32 9.64 -5.66 6.17
CA ASP B 32 10.45 -4.65 6.92
C ASP B 32 10.50 -3.35 6.12
N PHE B 33 10.68 -3.45 4.83
CA PHE B 33 10.73 -2.21 4.00
C PHE B 33 9.44 -1.42 4.18
N ALA B 34 8.32 -2.08 4.08
CA ALA B 34 7.01 -1.37 4.26
C ALA B 34 6.98 -0.73 5.65
N VAL B 35 7.53 -1.38 6.63
CA VAL B 35 7.54 -0.82 8.00
C VAL B 35 8.58 0.31 8.10
N GLU B 36 9.78 0.05 7.68
CA GLU B 36 10.85 1.09 7.74
C GLU B 36 10.42 2.32 6.93
N TYR B 37 9.75 2.11 5.83
CA TYR B 37 9.30 3.26 4.99
C TYR B 37 8.35 4.14 5.78
N PHE B 38 7.13 3.69 5.98
CA PHE B 38 6.15 4.52 6.74
C PHE B 38 6.73 4.97 8.08
N THR B 39 7.37 4.07 8.79
CA THR B 39 7.97 4.45 10.10
C THR B 39 8.89 5.68 9.92
N ARG B 40 9.47 5.84 8.77
CA ARG B 40 10.35 7.00 8.53
C ARG B 40 9.52 8.24 8.18
N LEU B 41 8.39 8.04 7.54
CA LEU B 41 7.53 9.20 7.18
C LEU B 41 7.12 9.98 8.44
N ARG B 42 6.89 9.28 9.52
CA ARG B 42 6.48 9.98 10.78
C ARG B 42 7.48 11.09 11.11
N GLU B 43 8.74 10.87 10.87
CA GLU B 43 9.75 11.91 11.16
C GLU B 43 9.78 12.96 10.05
N ALA B 44 9.27 12.63 8.89
CA ALA B 44 9.26 13.59 7.75
C ALA B 44 8.39 14.80 8.10
N ARG B 45 7.10 14.61 8.10
CA ARG B 45 6.18 15.74 8.41
C ARG B 45 6.62 16.46 9.69
N ARG B 46 7.04 17.70 9.57
CA ARG B 46 7.49 18.44 10.78
C ARG B 46 8.55 17.64 11.54
N LEU C 1 -19.77 2.60 -0.06
CA LEU C 1 -19.29 1.54 -0.99
C LEU C 1 -17.80 1.26 -0.74
N LEU C 2 -17.26 0.25 -1.38
CA LEU C 2 -15.83 -0.07 -1.18
C LEU C 2 -15.39 -1.19 -2.12
N ILE C 3 -16.25 -2.15 -2.36
CA ILE C 3 -15.89 -3.27 -3.28
C ILE C 3 -15.64 -2.74 -4.69
N GLU C 4 -16.30 -1.67 -5.05
CA GLU C 4 -16.11 -1.11 -6.42
C GLU C 4 -15.05 -0.01 -6.40
N THR C 5 -14.78 0.56 -5.25
CA THR C 5 -13.77 1.64 -5.18
C THR C 5 -12.42 1.08 -4.70
N ALA C 6 -12.43 -0.07 -4.07
CA ALA C 6 -11.16 -0.66 -3.59
C ALA C 6 -10.38 -1.29 -4.74
N SER C 7 -10.97 -2.24 -5.42
CA SER C 7 -10.26 -2.90 -6.55
C SER C 7 -9.94 -1.88 -7.66
N SER C 8 -10.82 -0.94 -7.88
CA SER C 8 -10.58 0.07 -8.95
C SER C 8 -9.36 0.94 -8.58
N LEU C 9 -9.26 1.33 -7.35
CA LEU C 9 -8.10 2.18 -6.93
C LEU C 9 -6.81 1.35 -6.94
N VAL C 10 -6.84 0.19 -6.34
CA VAL C 10 -5.62 -0.66 -6.32
C VAL C 10 -5.15 -0.98 -7.75
N LYS C 11 -6.02 -1.55 -8.54
CA LYS C 11 -5.63 -1.89 -9.94
C LYS C 11 -5.05 -0.66 -10.65
N ASN C 12 -5.61 0.49 -10.43
CA ASN C 12 -5.10 1.72 -11.09
C ASN C 12 -3.68 2.04 -10.59
N ALA C 13 -3.38 1.67 -9.38
CA ALA C 13 -2.02 1.95 -8.84
C ALA C 13 -1.01 0.92 -9.35
N ILE C 14 -1.47 -0.25 -9.68
CA ILE C 14 -0.53 -1.30 -10.19
C ILE C 14 -0.41 -1.20 -11.72
N GLN C 15 -1.32 -0.54 -12.37
CA GLN C 15 -1.25 -0.42 -13.85
C GLN C 15 -0.54 0.88 -14.25
N LEU C 16 -1.24 1.98 -14.22
CA LEU C 16 -0.61 3.28 -14.60
C LEU C 16 0.08 3.16 -15.96
N SER C 17 0.97 4.06 -16.27
CA SER C 17 1.67 3.99 -17.58
C SER C 17 2.88 3.04 -17.50
N ILE C 18 3.07 2.39 -16.39
CA ILE C 18 4.23 1.45 -16.27
C ILE C 18 3.89 0.11 -16.91
N GLU C 19 2.73 -0.41 -16.64
CA GLU C 19 2.35 -1.73 -17.24
C GLU C 19 1.45 -1.50 -18.45
N GLN C 20 1.69 -0.46 -19.20
CA GLN C 20 0.85 -0.20 -20.40
C GLN C 20 1.71 0.35 -21.55
N LEU C 21 2.61 1.23 -21.25
CA LEU C 21 3.48 1.80 -22.33
C LEU C 21 4.61 0.81 -22.66
N VAL C 22 5.31 0.34 -21.67
CA VAL C 22 6.42 -0.62 -21.93
C VAL C 22 5.86 -1.98 -22.36
N HIS A 1 20.60 -9.31 -23.42
CA HIS A 1 21.20 -9.97 -22.22
C HIS A 1 20.29 -11.10 -21.72
N MET A 2 19.88 -11.98 -22.59
CA MET A 2 18.99 -13.10 -22.17
C MET A 2 17.75 -12.56 -21.47
N GLY A 3 16.80 -13.42 -21.18
CA GLY A 3 15.56 -12.96 -20.49
C GLY A 3 15.90 -12.43 -19.11
N HIS A 4 15.16 -11.46 -18.63
CA HIS A 4 15.45 -10.89 -17.29
C HIS A 4 14.14 -10.46 -16.62
N ILE A 5 13.83 -11.02 -15.48
CA ILE A 5 12.56 -10.64 -14.79
C ILE A 5 12.77 -10.62 -13.27
N GLN A 6 12.75 -9.46 -12.67
CA GLN A 6 12.95 -9.37 -11.20
C GLN A 6 11.77 -8.64 -10.56
N ILE A 7 10.58 -8.85 -11.07
CA ILE A 7 9.39 -8.17 -10.50
C ILE A 7 8.54 -9.16 -9.69
N PRO A 8 8.79 -9.21 -8.40
CA PRO A 8 8.03 -10.13 -7.51
C PRO A 8 6.61 -9.60 -7.29
N PRO A 9 5.63 -10.32 -7.82
CA PRO A 9 4.22 -9.90 -7.67
C PRO A 9 3.71 -10.23 -6.26
N GLY A 10 2.65 -9.58 -5.84
CA GLY A 10 2.10 -9.86 -4.47
C GLY A 10 1.75 -8.54 -3.78
N LEU A 11 2.40 -7.47 -4.17
CA LEU A 11 2.11 -6.15 -3.54
C LEU A 11 0.63 -5.78 -3.71
N THR A 12 0.00 -6.27 -4.74
CA THR A 12 -1.44 -5.95 -4.97
C THR A 12 -2.32 -6.59 -3.89
N GLU A 13 -1.91 -7.72 -3.39
CA GLU A 13 -2.74 -8.40 -2.34
C GLU A 13 -2.56 -7.71 -0.99
N LEU A 14 -1.36 -7.29 -0.66
CA LEU A 14 -1.14 -6.62 0.64
C LEU A 14 -1.75 -5.21 0.64
N LEU A 15 -1.69 -4.53 -0.47
CA LEU A 15 -2.27 -3.15 -0.53
C LEU A 15 -3.79 -3.21 -0.36
N GLN A 16 -4.48 -3.93 -1.19
CA GLN A 16 -5.97 -4.01 -1.06
C GLN A 16 -6.35 -4.36 0.38
N GLY A 17 -5.57 -5.17 1.03
CA GLY A 17 -5.90 -5.53 2.44
C GLY A 17 -5.88 -4.27 3.31
N TYR A 18 -4.82 -3.50 3.23
CA TYR A 18 -4.74 -2.26 4.03
C TYR A 18 -5.94 -1.36 3.76
N THR A 19 -6.34 -1.25 2.53
CA THR A 19 -7.51 -0.39 2.18
C THR A 19 -8.77 -0.90 2.87
N VAL A 20 -8.93 -2.19 2.97
CA VAL A 20 -10.15 -2.75 3.63
C VAL A 20 -10.12 -2.46 5.14
N GLU A 21 -8.97 -2.22 5.68
CA GLU A 21 -8.88 -1.93 7.16
C GLU A 21 -9.06 -0.42 7.37
N VAL A 22 -8.34 0.36 6.61
CA VAL A 22 -8.44 1.83 6.74
C VAL A 22 -9.92 2.28 6.72
N LEU A 23 -10.74 1.56 6.02
CA LEU A 23 -12.19 1.94 5.96
C LEU A 23 -12.94 1.33 7.15
N ARG A 24 -12.63 0.11 7.50
CA ARG A 24 -13.33 -0.54 8.65
C ARG A 24 -12.81 0.04 9.98
N GLN A 25 -11.52 0.05 10.18
CA GLN A 25 -10.96 0.59 11.44
C GLN A 25 -11.04 2.12 11.45
N GLN A 26 -11.18 2.73 10.29
CA GLN A 26 -11.26 4.23 10.19
C GLN A 26 -10.34 4.93 11.20
N PRO A 27 -9.05 4.68 11.08
CA PRO A 27 -8.08 5.29 12.00
C PRO A 27 -7.94 6.80 11.71
N PRO A 28 -7.54 7.53 12.72
CA PRO A 28 -7.36 9.00 12.56
C PRO A 28 -6.12 9.30 11.72
N ASP A 29 -5.04 8.61 11.97
CA ASP A 29 -3.79 8.85 11.17
C ASP A 29 -3.46 7.63 10.32
N LEU A 30 -3.36 7.81 9.03
CA LEU A 30 -3.04 6.64 8.15
C LEU A 30 -1.55 6.29 8.26
N VAL A 31 -0.69 7.26 8.20
CA VAL A 31 0.78 6.97 8.32
C VAL A 31 1.03 6.10 9.55
N ASP A 32 0.70 6.61 10.70
CA ASP A 32 0.90 5.83 11.95
C ASP A 32 0.13 4.52 11.87
N PHE A 33 -1.05 4.55 11.33
CA PHE A 33 -1.85 3.30 11.22
C PHE A 33 -1.11 2.30 10.32
N ALA A 34 -0.63 2.75 9.20
CA ALA A 34 0.10 1.84 8.27
C ALA A 34 1.27 1.19 9.01
N VAL A 35 1.97 1.94 9.82
CA VAL A 35 3.13 1.36 10.57
C VAL A 35 2.64 0.28 11.54
N GLU A 36 1.58 0.56 12.25
CA GLU A 36 1.05 -0.45 13.22
C GLU A 36 0.60 -1.72 12.48
N TYR A 37 0.07 -1.56 11.29
CA TYR A 37 -0.38 -2.75 10.52
C TYR A 37 0.81 -3.59 10.07
N PHE A 38 1.70 -3.02 9.30
CA PHE A 38 2.89 -3.78 8.81
C PHE A 38 3.74 -4.22 10.01
N THR A 39 4.06 -3.31 10.90
CA THR A 39 4.89 -3.69 12.08
C THR A 39 4.29 -4.91 12.78
N ARG A 40 3.00 -4.96 12.92
CA ARG A 40 2.35 -6.12 13.60
C ARG A 40 2.41 -7.35 12.69
N LEU A 41 2.39 -7.14 11.40
CA LEU A 41 2.45 -8.29 10.45
C LEU A 41 3.70 -9.13 10.72
N ARG A 42 4.80 -8.50 10.97
CA ARG A 42 6.06 -9.25 11.24
C ARG A 42 5.83 -10.30 12.33
N GLU A 43 4.90 -10.06 13.22
CA GLU A 43 4.63 -11.05 14.30
C GLU A 43 3.29 -11.78 14.05
N ALA A 44 2.58 -11.42 13.02
CA ALA A 44 1.28 -12.10 12.75
C ALA A 44 1.50 -13.59 12.55
N ARG A 45 2.01 -13.96 11.40
CA ARG A 45 2.24 -15.40 11.12
C ARG A 45 3.04 -16.05 12.26
N ARG A 46 4.33 -15.85 12.27
CA ARG A 46 5.16 -16.43 13.35
C ARG A 46 6.47 -15.65 13.49
N HIS B 1 -22.43 17.49 2.66
CA HIS B 1 -22.66 16.18 3.33
C HIS B 1 -24.17 15.86 3.36
N MET B 2 -24.78 15.76 2.21
CA MET B 2 -26.23 15.45 2.17
C MET B 2 -26.45 13.93 2.07
N GLY B 3 -25.82 13.30 1.11
CA GLY B 3 -25.98 11.83 0.96
C GLY B 3 -25.36 11.12 2.16
N HIS B 4 -24.40 10.27 1.93
CA HIS B 4 -23.76 9.54 3.07
C HIS B 4 -22.49 8.83 2.59
N ILE B 5 -21.57 9.55 2.04
CA ILE B 5 -20.31 8.91 1.56
C ILE B 5 -19.17 9.16 2.56
N GLN B 6 -18.29 8.21 2.72
CA GLN B 6 -17.17 8.40 3.68
C GLN B 6 -15.88 7.78 3.13
N ILE B 7 -15.34 8.36 2.09
CA ILE B 7 -14.09 7.81 1.49
C ILE B 7 -13.00 8.87 1.50
N PRO B 8 -12.13 8.81 2.48
CA PRO B 8 -11.03 9.80 2.60
C PRO B 8 -9.98 9.54 1.51
N PRO B 9 -9.86 10.47 0.59
CA PRO B 9 -8.87 10.33 -0.51
C PRO B 9 -7.45 10.54 0.04
N GLY B 10 -6.48 10.55 -0.83
CA GLY B 10 -5.08 10.75 -0.37
C GLY B 10 -4.35 9.41 -0.35
N LEU B 11 -5.03 8.36 0.04
CA LEU B 11 -4.38 7.02 0.09
C LEU B 11 -3.86 6.64 -1.31
N THR B 12 -4.59 7.00 -2.33
CA THR B 12 -4.15 6.66 -3.72
C THR B 12 -2.72 7.12 -3.95
N GLU B 13 -2.47 8.40 -3.88
CA GLU B 13 -1.09 8.91 -4.08
C GLU B 13 -0.13 8.27 -3.08
N LEU B 14 -0.64 7.80 -1.97
CA LEU B 14 0.24 7.15 -0.96
C LEU B 14 0.58 5.72 -1.37
N LEU B 15 -0.34 5.06 -2.02
CA LEU B 15 -0.08 3.66 -2.47
C LEU B 15 0.75 3.66 -3.75
N GLN B 16 0.38 4.45 -4.71
CA GLN B 16 1.15 4.51 -5.98
C GLN B 16 2.63 4.79 -5.68
N GLY B 17 2.90 5.73 -4.82
CA GLY B 17 4.32 6.05 -4.49
C GLY B 17 4.97 4.81 -3.86
N TYR B 18 4.35 4.23 -2.88
CA TYR B 18 4.92 3.02 -2.23
C TYR B 18 5.22 1.95 -3.29
N THR B 19 4.45 1.91 -4.33
CA THR B 19 4.68 0.89 -5.39
C THR B 19 5.87 1.30 -6.26
N VAL B 20 6.11 2.58 -6.38
CA VAL B 20 7.25 3.06 -7.21
C VAL B 20 8.57 2.91 -6.44
N GLU B 21 8.49 2.79 -5.13
CA GLU B 21 9.75 2.65 -4.32
C GLU B 21 10.11 1.17 -4.24
N VAL B 22 9.12 0.34 -4.04
CA VAL B 22 9.37 -1.12 -3.95
C VAL B 22 9.89 -1.65 -5.29
N LEU B 23 9.50 -1.04 -6.37
CA LEU B 23 9.97 -1.51 -7.71
C LEU B 23 11.42 -1.08 -7.92
N ARG B 24 11.72 0.17 -7.68
CA ARG B 24 13.13 0.65 -7.88
C ARG B 24 14.05 0.02 -6.83
N GLN B 25 13.92 0.43 -5.59
CA GLN B 25 14.80 -0.15 -4.53
C GLN B 25 14.74 -1.68 -4.56
N GLN B 26 13.57 -2.23 -4.76
CA GLN B 26 13.46 -3.71 -4.80
C GLN B 26 14.09 -4.34 -3.55
N PRO B 27 13.49 -4.07 -2.41
CA PRO B 27 14.02 -4.62 -1.14
C PRO B 27 13.76 -6.13 -1.06
N PRO B 28 14.50 -6.80 -0.21
CA PRO B 28 14.34 -8.26 -0.04
C PRO B 28 13.03 -8.57 0.69
N ASP B 29 12.64 -7.73 1.62
CA ASP B 29 11.36 -7.97 2.35
C ASP B 29 10.53 -6.68 2.41
N LEU B 30 9.39 -6.69 1.77
CA LEU B 30 8.54 -5.46 1.77
C LEU B 30 7.98 -5.21 3.17
N VAL B 31 7.76 -6.25 3.94
CA VAL B 31 7.22 -6.05 5.32
C VAL B 31 8.05 -5.00 6.06
N ASP B 32 9.33 -5.23 6.16
CA ASP B 32 10.21 -4.26 6.86
C ASP B 32 10.20 -2.91 6.13
N PHE B 33 10.34 -2.94 4.83
CA PHE B 33 10.33 -1.65 4.06
C PHE B 33 9.03 -0.89 4.34
N ALA B 34 7.94 -1.60 4.41
CA ALA B 34 6.63 -0.92 4.68
C ALA B 34 6.68 -0.22 6.04
N VAL B 35 7.21 -0.89 7.04
CA VAL B 35 7.30 -0.27 8.39
C VAL B 35 8.32 0.86 8.38
N GLU B 36 9.44 0.66 7.72
CA GLU B 36 10.49 1.71 7.68
C GLU B 36 10.04 2.85 6.74
N TYR B 37 9.13 2.57 5.84
CA TYR B 37 8.66 3.63 4.90
C TYR B 37 7.65 4.54 5.59
N PHE B 38 6.51 4.01 5.96
CA PHE B 38 5.47 4.85 6.62
C PHE B 38 6.01 5.45 7.93
N THR B 39 6.65 4.66 8.74
CA THR B 39 7.21 5.20 10.02
C THR B 39 8.09 6.41 9.74
N ARG B 40 9.08 6.25 8.91
CA ARG B 40 9.97 7.40 8.58
C ARG B 40 9.17 8.53 7.93
N LEU B 41 8.05 8.19 7.34
CA LEU B 41 7.22 9.25 6.68
C LEU B 41 6.80 10.31 7.70
N ARG B 42 6.25 9.89 8.81
CA ARG B 42 5.82 10.88 9.84
C ARG B 42 6.96 11.86 10.15
N GLU B 43 8.18 11.45 9.94
CA GLU B 43 9.32 12.36 10.22
C GLU B 43 9.87 12.99 8.94
N ALA B 44 9.14 12.89 7.86
CA ALA B 44 9.64 13.50 6.58
C ALA B 44 9.71 15.01 6.71
N ARG B 45 8.58 15.66 6.66
CA ARG B 45 8.56 17.15 6.76
C ARG B 45 9.42 17.63 7.94
N ARG B 46 9.07 17.25 9.13
CA ARG B 46 9.85 17.69 10.32
C ARG B 46 10.87 16.61 10.70
N LEU C 1 -20.41 -1.15 -1.54
CA LEU C 1 -19.94 0.17 -1.02
C LEU C 1 -18.41 0.18 -0.91
N LEU C 2 -17.86 -0.67 -0.09
CA LEU C 2 -16.38 -0.70 0.06
C LEU C 2 -15.75 -1.52 -1.07
N ILE C 3 -16.52 -2.38 -1.70
CA ILE C 3 -15.96 -3.21 -2.80
C ILE C 3 -15.81 -2.37 -4.07
N GLU C 4 -16.73 -1.46 -4.31
CA GLU C 4 -16.63 -0.60 -5.53
C GLU C 4 -15.55 0.47 -5.36
N THR C 5 -14.94 0.54 -4.20
CA THR C 5 -13.88 1.57 -3.99
C THR C 5 -12.50 0.91 -4.00
N ALA C 6 -12.21 0.10 -3.03
CA ALA C 6 -10.88 -0.57 -2.98
C ALA C 6 -10.61 -1.31 -4.30
N SER C 7 -11.58 -2.00 -4.81
CA SER C 7 -11.38 -2.74 -6.09
C SER C 7 -10.96 -1.77 -7.19
N SER C 8 -11.32 -0.52 -7.07
CA SER C 8 -10.94 0.47 -8.10
C SER C 8 -9.51 0.97 -7.85
N LEU C 9 -9.06 0.90 -6.62
CA LEU C 9 -7.68 1.37 -6.32
C LEU C 9 -6.65 0.34 -6.81
N VAL C 10 -6.98 -0.91 -6.73
CA VAL C 10 -6.02 -1.95 -7.19
C VAL C 10 -5.83 -1.87 -8.70
N LYS C 11 -6.80 -1.32 -9.40
CA LYS C 11 -6.67 -1.21 -10.89
C LYS C 11 -5.72 -0.06 -11.24
N ASN C 12 -5.89 1.07 -10.62
CA ASN C 12 -5.00 2.23 -10.92
C ASN C 12 -3.57 1.94 -10.43
N ALA C 13 -3.40 0.95 -9.60
CA ALA C 13 -2.04 0.63 -9.09
C ALA C 13 -1.48 -0.58 -9.83
N ILE C 14 -2.23 -1.65 -9.92
CA ILE C 14 -1.72 -2.86 -10.63
C ILE C 14 -1.23 -2.49 -12.04
N GLN C 15 -1.72 -1.40 -12.58
CA GLN C 15 -1.27 -0.98 -13.95
C GLN C 15 0.02 -0.16 -13.85
N LEU C 16 0.09 0.72 -12.91
CA LEU C 16 1.33 1.55 -12.77
C LEU C 16 2.56 0.65 -12.70
N SER C 17 2.39 -0.58 -12.31
CA SER C 17 3.56 -1.51 -12.22
C SER C 17 3.82 -2.16 -13.58
N ILE C 18 3.97 -1.36 -14.61
CA ILE C 18 4.23 -1.90 -15.99
C ILE C 18 3.47 -3.20 -16.24
N GLU C 19 2.26 -3.31 -15.74
CA GLU C 19 1.48 -4.56 -15.93
C GLU C 19 2.34 -5.75 -15.51
N GLN C 20 2.88 -5.72 -14.32
CA GLN C 20 3.76 -6.83 -13.88
C GLN C 20 4.85 -7.02 -14.93
N LEU C 21 5.17 -5.97 -15.64
CA LEU C 21 6.20 -6.05 -16.71
C LEU C 21 5.94 -7.26 -17.59
N VAL C 22 4.79 -7.32 -18.21
CA VAL C 22 4.43 -8.46 -19.07
C VAL C 22 4.46 -8.04 -20.54
N HIS A 1 10.75 -22.40 -14.82
CA HIS A 1 10.26 -22.23 -13.42
C HIS A 1 11.40 -21.77 -12.51
N MET A 2 11.09 -21.39 -11.30
CA MET A 2 12.17 -20.93 -10.36
C MET A 2 13.00 -19.84 -11.02
N GLY A 3 12.37 -18.89 -11.67
CA GLY A 3 13.14 -17.80 -12.33
C GLY A 3 12.18 -16.74 -12.86
N HIS A 4 11.59 -15.96 -12.00
CA HIS A 4 10.65 -14.91 -12.46
C HIS A 4 11.31 -13.53 -12.38
N ILE A 5 11.41 -12.84 -13.48
CA ILE A 5 12.06 -11.51 -13.47
C ILE A 5 11.07 -10.42 -13.90
N GLN A 6 9.86 -10.47 -13.39
CA GLN A 6 8.85 -9.45 -13.78
C GLN A 6 8.26 -8.78 -12.54
N ILE A 7 7.08 -8.23 -12.65
CA ILE A 7 6.44 -7.58 -11.47
C ILE A 7 5.63 -8.60 -10.67
N PRO A 8 5.96 -8.76 -9.41
CA PRO A 8 5.24 -9.72 -8.55
C PRO A 8 3.84 -9.19 -8.20
N PRO A 9 2.83 -9.89 -8.62
CA PRO A 9 1.43 -9.46 -8.33
C PRO A 9 1.06 -9.70 -6.86
N GLY A 10 1.94 -10.29 -6.12
CA GLY A 10 1.66 -10.56 -4.68
C GLY A 10 1.50 -9.22 -3.95
N LEU A 11 2.09 -8.17 -4.47
CA LEU A 11 1.97 -6.85 -3.80
C LEU A 11 0.51 -6.36 -3.85
N THR A 12 -0.23 -6.79 -4.83
CA THR A 12 -1.65 -6.36 -4.94
C THR A 12 -2.49 -7.07 -3.87
N GLU A 13 -2.10 -8.25 -3.49
CA GLU A 13 -2.87 -9.00 -2.45
C GLU A 13 -2.69 -8.34 -1.08
N LEU A 14 -1.48 -7.93 -0.77
CA LEU A 14 -1.24 -7.28 0.55
C LEU A 14 -1.83 -5.87 0.56
N LEU A 15 -1.68 -5.14 -0.50
CA LEU A 15 -2.24 -3.76 -0.55
C LEU A 15 -3.75 -3.80 -0.31
N GLN A 16 -4.46 -4.64 -1.02
CA GLN A 16 -5.94 -4.72 -0.82
C GLN A 16 -6.24 -5.00 0.66
N GLY A 17 -5.51 -5.89 1.28
CA GLY A 17 -5.74 -6.20 2.71
C GLY A 17 -5.71 -4.88 3.51
N TYR A 18 -4.85 -3.98 3.14
CA TYR A 18 -4.77 -2.69 3.86
C TYR A 18 -6.02 -1.86 3.57
N THR A 19 -6.32 -1.65 2.32
CA THR A 19 -7.54 -0.86 1.95
C THR A 19 -8.76 -1.46 2.65
N VAL A 20 -8.73 -2.73 2.94
CA VAL A 20 -9.90 -3.37 3.63
C VAL A 20 -9.96 -2.90 5.09
N GLU A 21 -9.08 -3.40 5.91
CA GLU A 21 -9.10 -3.01 7.36
C GLU A 21 -9.16 -1.48 7.49
N VAL A 22 -8.41 -0.76 6.70
CA VAL A 22 -8.44 0.73 6.80
C VAL A 22 -9.87 1.24 6.65
N LEU A 23 -10.63 0.66 5.77
CA LEU A 23 -12.04 1.12 5.58
C LEU A 23 -12.98 0.38 6.54
N ARG A 24 -12.59 -0.76 7.00
CA ARG A 24 -13.46 -1.53 7.94
C ARG A 24 -13.31 -0.98 9.37
N GLN A 25 -12.13 -0.61 9.75
CA GLN A 25 -11.92 -0.07 11.12
C GLN A 25 -11.72 1.45 11.07
N GLN A 26 -11.35 1.98 9.94
CA GLN A 26 -11.14 3.45 9.81
C GLN A 26 -10.27 3.96 10.97
N PRO A 27 -8.97 3.84 10.81
CA PRO A 27 -8.04 4.30 11.85
C PRO A 27 -7.98 5.84 11.87
N PRO A 28 -7.51 6.37 12.98
CA PRO A 28 -7.39 7.85 13.10
C PRO A 28 -6.29 8.39 12.19
N ASP A 29 -5.34 7.56 11.85
CA ASP A 29 -4.25 8.02 10.95
C ASP A 29 -3.73 6.85 10.11
N LEU A 30 -3.93 6.90 8.83
CA LEU A 30 -3.46 5.79 7.95
C LEU A 30 -1.96 5.58 8.12
N VAL A 31 -1.18 6.63 7.99
CA VAL A 31 0.30 6.49 8.15
C VAL A 31 0.62 5.73 9.44
N ASP A 32 0.24 6.28 10.56
CA ASP A 32 0.51 5.60 11.85
C ASP A 32 -0.09 4.18 11.82
N PHE A 33 -1.23 4.03 11.19
CA PHE A 33 -1.85 2.67 11.12
C PHE A 33 -0.97 1.74 10.28
N ALA A 34 -0.58 2.18 9.11
CA ALA A 34 0.29 1.33 8.25
C ALA A 34 1.56 0.96 9.01
N VAL A 35 2.09 1.87 9.77
CA VAL A 35 3.33 1.57 10.54
C VAL A 35 3.00 0.65 11.71
N GLU A 36 1.85 0.81 12.29
CA GLU A 36 1.47 -0.07 13.44
C GLU A 36 0.96 -1.42 12.92
N TYR A 37 0.36 -1.44 11.76
CA TYR A 37 -0.15 -2.73 11.21
C TYR A 37 1.01 -3.58 10.68
N PHE A 38 1.67 -3.11 9.66
CA PHE A 38 2.81 -3.90 9.08
C PHE A 38 3.81 -4.27 10.17
N THR A 39 4.23 -3.31 10.97
CA THR A 39 5.21 -3.62 12.04
C THR A 39 4.70 -4.78 12.90
N ARG A 40 3.43 -4.84 13.15
CA ARG A 40 2.87 -5.95 13.98
C ARG A 40 2.89 -7.25 13.17
N LEU A 41 2.82 -7.16 11.87
CA LEU A 41 2.83 -8.40 11.04
C LEU A 41 4.19 -9.10 11.17
N ARG A 42 5.25 -8.36 11.33
CA ARG A 42 6.58 -8.99 11.47
C ARG A 42 6.60 -9.92 12.69
N GLU A 43 5.73 -9.69 13.63
CA GLU A 43 5.68 -10.55 14.85
C GLU A 43 4.99 -11.88 14.52
N ALA A 44 3.78 -11.81 14.03
CA ALA A 44 3.05 -13.06 13.69
C ALA A 44 3.83 -13.85 12.65
N ARG A 45 3.89 -13.35 11.45
CA ARG A 45 4.62 -14.08 10.38
C ARG A 45 6.04 -14.45 10.85
N ARG A 46 6.52 -15.60 10.45
CA ARG A 46 7.88 -16.02 10.88
C ARG A 46 8.92 -15.60 9.83
N HIS B 1 -23.64 19.62 2.47
CA HIS B 1 -22.53 18.64 2.60
C HIS B 1 -23.07 17.27 3.00
N MET B 2 -23.84 17.21 4.05
CA MET B 2 -24.40 15.90 4.51
C MET B 2 -23.28 14.89 4.78
N GLY B 3 -22.84 14.18 3.77
CA GLY B 3 -21.75 13.19 3.98
C GLY B 3 -21.59 12.34 2.71
N HIS B 4 -20.97 11.20 2.83
CA HIS B 4 -20.79 10.32 1.64
C HIS B 4 -20.37 8.91 2.07
N ILE B 5 -20.75 7.92 1.32
CA ILE B 5 -20.37 6.52 1.67
C ILE B 5 -19.52 5.91 0.57
N GLN B 6 -18.51 6.60 0.13
CA GLN B 6 -17.63 6.06 -0.94
C GLN B 6 -16.20 5.88 -0.43
N ILE B 7 -15.23 5.90 -1.29
CA ILE B 7 -13.82 5.71 -0.84
C ILE B 7 -13.15 7.07 -0.60
N PRO B 8 -12.40 7.17 0.47
CA PRO B 8 -11.71 8.45 0.79
C PRO B 8 -10.54 8.68 -0.17
N PRO B 9 -10.48 9.86 -0.75
CA PRO B 9 -9.38 10.18 -1.69
C PRO B 9 -8.08 10.42 -0.94
N GLY B 10 -6.96 10.20 -1.58
CA GLY B 10 -5.65 10.42 -0.91
C GLY B 10 -4.95 9.08 -0.69
N LEU B 11 -5.71 8.01 -0.62
CA LEU B 11 -5.09 6.67 -0.42
C LEU B 11 -4.29 6.26 -1.66
N THR B 12 -4.62 6.82 -2.79
CA THR B 12 -3.89 6.45 -4.04
C THR B 12 -2.55 7.19 -4.10
N GLU B 13 -2.50 8.39 -3.61
CA GLU B 13 -1.22 9.16 -3.64
C GLU B 13 -0.17 8.49 -2.74
N LEU B 14 -0.56 8.09 -1.56
CA LEU B 14 0.41 7.45 -0.64
C LEU B 14 0.83 6.08 -1.18
N LEU B 15 -0.05 5.40 -1.85
CA LEU B 15 0.31 4.06 -2.41
C LEU B 15 1.17 4.20 -3.66
N GLN B 16 0.82 5.12 -4.53
CA GLN B 16 1.62 5.30 -5.78
C GLN B 16 3.10 5.50 -5.43
N GLY B 17 3.38 6.30 -4.44
CA GLY B 17 4.80 6.53 -4.05
C GLY B 17 5.42 5.21 -3.59
N TYR B 18 4.78 4.53 -2.69
CA TYR B 18 5.33 3.23 -2.20
C TYR B 18 5.55 2.27 -3.36
N THR B 19 4.71 2.34 -4.37
CA THR B 19 4.88 1.43 -5.55
C THR B 19 6.11 1.85 -6.37
N VAL B 20 6.41 3.12 -6.39
CA VAL B 20 7.59 3.58 -7.18
C VAL B 20 8.90 3.24 -6.46
N GLU B 21 8.82 2.95 -5.19
CA GLU B 21 10.07 2.59 -4.42
C GLU B 21 10.31 1.08 -4.53
N VAL B 22 9.30 0.32 -4.24
CA VAL B 22 9.44 -1.16 -4.29
C VAL B 22 9.80 -1.61 -5.71
N LEU B 23 9.47 -0.82 -6.69
CA LEU B 23 9.80 -1.20 -8.10
C LEU B 23 11.17 -0.65 -8.49
N ARG B 24 11.55 0.47 -7.96
CA ARG B 24 12.87 1.05 -8.32
C ARG B 24 13.97 0.48 -7.41
N GLN B 25 13.78 0.55 -6.12
CA GLN B 25 14.82 0.02 -5.19
C GLN B 25 14.64 -1.49 -4.97
N GLN B 26 13.46 -2.01 -5.27
CA GLN B 26 13.19 -3.48 -5.10
C GLN B 26 13.88 -4.06 -3.86
N PRO B 27 13.36 -3.75 -2.70
CA PRO B 27 13.94 -4.25 -1.43
C PRO B 27 13.72 -5.76 -1.29
N PRO B 28 14.42 -6.36 -0.36
CA PRO B 28 14.29 -7.82 -0.12
C PRO B 28 12.93 -8.14 0.52
N ASP B 29 12.62 -7.50 1.60
CA ASP B 29 11.32 -7.76 2.28
C ASP B 29 10.42 -6.53 2.22
N LEU B 30 9.25 -6.66 1.66
CA LEU B 30 8.33 -5.48 1.57
C LEU B 30 7.71 -5.19 2.94
N VAL B 31 7.36 -6.21 3.67
CA VAL B 31 6.76 -5.99 5.03
C VAL B 31 7.61 -5.02 5.82
N ASP B 32 8.80 -5.42 6.18
CA ASP B 32 9.70 -4.53 6.95
C ASP B 32 9.90 -3.22 6.21
N PHE B 33 10.01 -3.26 4.91
CA PHE B 33 10.21 -2.00 4.14
C PHE B 33 9.00 -1.09 4.31
N ALA B 34 7.82 -1.64 4.23
CA ALA B 34 6.59 -0.80 4.39
C ALA B 34 6.63 -0.09 5.74
N VAL B 35 7.23 -0.70 6.73
CA VAL B 35 7.31 -0.07 8.07
C VAL B 35 8.34 1.07 8.05
N GLU B 36 9.54 0.78 7.63
CA GLU B 36 10.60 1.83 7.58
C GLU B 36 10.16 2.99 6.68
N TYR B 37 9.29 2.73 5.75
CA TYR B 37 8.83 3.83 4.84
C TYR B 37 7.79 4.71 5.54
N PHE B 38 6.62 4.19 5.78
CA PHE B 38 5.56 5.00 6.46
C PHE B 38 6.11 5.58 7.77
N THR B 39 6.89 4.82 8.49
CA THR B 39 7.44 5.34 9.77
C THR B 39 8.25 6.63 9.50
N ARG B 40 9.14 6.59 8.56
CA ARG B 40 9.95 7.80 8.25
C ARG B 40 9.06 8.89 7.66
N LEU B 41 7.95 8.51 7.07
CA LEU B 41 7.04 9.52 6.47
C LEU B 41 6.36 10.34 7.57
N ARG B 42 6.13 9.74 8.72
CA ARG B 42 5.49 10.48 9.82
C ARG B 42 6.50 11.46 10.45
N GLU B 43 7.72 11.04 10.60
CA GLU B 43 8.75 11.94 11.20
C GLU B 43 9.63 12.54 10.10
N ALA B 44 9.22 12.44 8.88
CA ALA B 44 10.05 13.01 7.76
C ALA B 44 10.19 14.52 7.91
N ARG B 45 9.09 15.22 7.82
CA ARG B 45 9.14 16.70 7.95
C ARG B 45 9.97 17.12 9.15
N ARG B 46 9.49 16.88 10.34
CA ARG B 46 10.26 17.27 11.55
C ARG B 46 11.55 16.44 11.65
N LEU C 1 -20.54 -3.40 -1.17
CA LEU C 1 -19.75 -2.91 -2.33
C LEU C 1 -18.40 -2.37 -1.87
N LEU C 2 -17.32 -2.99 -2.29
CA LEU C 2 -15.97 -2.51 -1.86
C LEU C 2 -14.88 -3.33 -2.57
N ILE C 3 -15.08 -4.60 -2.72
CA ILE C 3 -14.07 -5.46 -3.40
C ILE C 3 -14.00 -5.13 -4.89
N GLU C 4 -15.02 -4.50 -5.42
CA GLU C 4 -15.01 -4.17 -6.88
C GLU C 4 -14.14 -2.93 -7.13
N THR C 5 -14.27 -1.92 -6.31
CA THR C 5 -13.46 -0.69 -6.52
C THR C 5 -12.07 -0.87 -5.90
N ALA C 6 -12.01 -1.45 -4.73
CA ALA C 6 -10.70 -1.65 -4.06
C ALA C 6 -9.74 -2.40 -4.99
N SER C 7 -10.20 -3.45 -5.63
CA SER C 7 -9.32 -4.22 -6.53
C SER C 7 -9.12 -3.46 -7.86
N SER C 8 -10.08 -2.67 -8.24
CA SER C 8 -9.95 -1.90 -9.52
C SER C 8 -9.07 -0.67 -9.31
N LEU C 9 -9.12 -0.09 -8.15
CA LEU C 9 -8.29 1.13 -7.89
C LEU C 9 -6.80 0.77 -7.89
N VAL C 10 -6.41 -0.21 -7.12
CA VAL C 10 -4.97 -0.61 -7.08
C VAL C 10 -4.50 -1.02 -8.48
N LYS C 11 -5.39 -1.47 -9.31
CA LYS C 11 -4.99 -1.88 -10.69
C LYS C 11 -4.57 -0.67 -11.51
N ASN C 12 -5.40 0.34 -11.57
CA ASN C 12 -5.05 1.55 -12.35
C ASN C 12 -3.83 2.25 -11.75
N ALA C 13 -3.50 1.94 -10.53
CA ALA C 13 -2.32 2.60 -9.89
C ALA C 13 -1.04 1.82 -10.21
N ILE C 14 -1.02 0.55 -9.92
CA ILE C 14 0.20 -0.26 -10.20
C ILE C 14 0.61 -0.10 -11.67
N GLN C 15 -0.32 0.19 -12.53
CA GLN C 15 0.04 0.35 -13.98
C GLN C 15 0.47 1.79 -14.25
N LEU C 16 -0.11 2.74 -13.57
CA LEU C 16 0.26 4.16 -13.80
C LEU C 16 1.77 4.34 -13.65
N SER C 17 2.33 3.90 -12.55
CA SER C 17 3.80 4.04 -12.37
C SER C 17 4.56 3.31 -13.48
N ILE C 18 4.23 2.06 -13.71
CA ILE C 18 4.93 1.30 -14.78
C ILE C 18 4.71 1.97 -16.14
N GLU C 19 3.56 2.55 -16.36
CA GLU C 19 3.28 3.22 -17.65
C GLU C 19 4.16 4.47 -17.80
N GLN C 20 4.21 5.29 -16.78
CA GLN C 20 5.04 6.52 -16.86
C GLN C 20 6.52 6.16 -16.92
N LEU C 21 6.88 4.97 -16.50
CA LEU C 21 8.31 4.56 -16.55
C LEU C 21 8.81 4.53 -18.00
N VAL C 22 7.98 4.12 -18.91
CA VAL C 22 8.39 4.05 -20.34
C VAL C 22 8.46 5.46 -20.93
N HIS A 1 17.89 -13.23 -23.39
CA HIS A 1 18.29 -14.62 -23.00
C HIS A 1 17.94 -14.87 -21.53
N MET A 2 16.80 -14.41 -21.10
CA MET A 2 16.40 -14.63 -19.67
C MET A 2 14.95 -14.18 -19.45
N GLY A 3 14.49 -14.21 -18.23
CA GLY A 3 13.10 -13.80 -17.94
C GLY A 3 12.23 -15.03 -17.67
N HIS A 4 12.00 -15.35 -16.43
CA HIS A 4 11.17 -16.55 -16.11
C HIS A 4 9.96 -16.14 -15.26
N ILE A 5 10.12 -15.15 -14.43
CA ILE A 5 8.98 -14.71 -13.56
C ILE A 5 8.65 -13.24 -13.84
N GLN A 6 7.38 -12.90 -13.83
CA GLN A 6 7.00 -11.49 -14.09
C GLN A 6 6.67 -10.79 -12.77
N ILE A 7 5.83 -9.78 -12.80
CA ILE A 7 5.47 -9.07 -11.55
C ILE A 7 4.99 -10.08 -10.48
N PRO A 8 5.71 -10.15 -9.40
CA PRO A 8 5.34 -11.09 -8.31
C PRO A 8 4.06 -10.64 -7.61
N PRO A 9 3.04 -11.46 -7.67
CA PRO A 9 1.74 -11.12 -7.03
C PRO A 9 1.86 -11.24 -5.50
N GLY A 10 0.76 -11.27 -4.81
CA GLY A 10 0.80 -11.38 -3.32
C GLY A 10 0.74 -9.99 -2.70
N LEU A 11 1.36 -9.01 -3.32
CA LEU A 11 1.33 -7.64 -2.77
C LEU A 11 -0.09 -7.07 -2.81
N THR A 12 -0.86 -7.45 -3.79
CA THR A 12 -2.26 -6.94 -3.89
C THR A 12 -3.04 -7.27 -2.61
N GLU A 13 -3.23 -8.53 -2.33
CA GLU A 13 -3.97 -8.93 -1.11
C GLU A 13 -3.42 -8.21 0.12
N LEU A 14 -2.12 -8.10 0.22
CA LEU A 14 -1.51 -7.42 1.40
C LEU A 14 -1.91 -5.94 1.41
N LEU A 15 -1.88 -5.29 0.28
CA LEU A 15 -2.26 -3.85 0.24
C LEU A 15 -3.76 -3.70 0.48
N GLN A 16 -4.57 -4.47 -0.20
CA GLN A 16 -6.04 -4.36 -0.01
C GLN A 16 -6.38 -4.51 1.48
N GLY A 17 -5.73 -5.41 2.16
CA GLY A 17 -6.02 -5.60 3.61
C GLY A 17 -5.81 -4.27 4.34
N TYR A 18 -4.70 -3.63 4.12
CA TYR A 18 -4.44 -2.32 4.80
C TYR A 18 -5.55 -1.32 4.44
N THR A 19 -6.23 -1.54 3.35
CA THR A 19 -7.30 -0.60 2.95
C THR A 19 -8.60 -0.93 3.70
N VAL A 20 -8.78 -2.17 4.07
CA VAL A 20 -10.02 -2.55 4.81
C VAL A 20 -9.90 -2.18 6.29
N GLU A 21 -8.70 -1.96 6.76
CA GLU A 21 -8.51 -1.59 8.20
C GLU A 21 -8.57 -0.08 8.34
N VAL A 22 -7.86 0.62 7.49
CA VAL A 22 -7.85 2.10 7.56
C VAL A 22 -9.27 2.64 7.37
N LEU A 23 -10.02 2.04 6.50
CA LEU A 23 -11.42 2.52 6.27
C LEU A 23 -12.32 2.07 7.42
N ARG A 24 -12.08 0.90 7.95
CA ARG A 24 -12.93 0.41 9.08
C ARG A 24 -12.51 1.09 10.38
N GLN A 25 -11.28 1.54 10.47
CA GLN A 25 -10.82 2.20 11.72
C GLN A 25 -10.88 3.73 11.56
N GLN A 26 -10.55 4.23 10.40
CA GLN A 26 -10.58 5.70 10.18
C GLN A 26 -9.77 6.41 11.27
N PRO A 27 -8.52 6.03 11.38
CA PRO A 27 -7.62 6.65 12.40
C PRO A 27 -7.28 8.10 12.01
N PRO A 28 -6.93 8.88 13.01
CA PRO A 28 -6.57 10.30 12.77
C PRO A 28 -5.23 10.40 12.03
N ASP A 29 -4.43 9.37 12.11
CA ASP A 29 -3.11 9.41 11.41
C ASP A 29 -2.81 8.06 10.77
N LEU A 30 -2.58 8.03 9.48
CA LEU A 30 -2.27 6.75 8.80
C LEU A 30 -0.78 6.46 8.84
N VAL A 31 0.03 7.48 8.85
CA VAL A 31 1.51 7.27 8.89
C VAL A 31 1.88 6.33 10.03
N ASP A 32 1.52 6.69 11.23
CA ASP A 32 1.84 5.83 12.40
C ASP A 32 1.10 4.50 12.28
N PHE A 33 -0.16 4.54 11.89
CA PHE A 33 -0.92 3.26 11.76
C PHE A 33 -0.26 2.37 10.70
N ALA A 34 0.19 2.94 9.62
CA ALA A 34 0.84 2.13 8.56
C ALA A 34 2.02 1.35 9.14
N VAL A 35 2.75 1.93 10.05
CA VAL A 35 3.91 1.23 10.66
C VAL A 35 3.44 0.15 11.63
N GLU A 36 2.39 0.42 12.37
CA GLU A 36 1.89 -0.59 13.34
C GLU A 36 1.27 -1.78 12.60
N TYR A 37 0.60 -1.54 11.51
CA TYR A 37 -0.02 -2.67 10.75
C TYR A 37 1.06 -3.61 10.20
N PHE A 38 1.98 -3.09 9.43
CA PHE A 38 3.05 -3.95 8.85
C PHE A 38 4.00 -4.46 9.95
N THR A 39 4.47 -3.59 10.80
CA THR A 39 5.39 -4.04 11.88
C THR A 39 4.77 -5.21 12.65
N ARG A 40 3.52 -5.10 13.03
CA ARG A 40 2.88 -6.22 13.78
C ARG A 40 2.80 -7.47 12.90
N LEU A 41 2.72 -7.29 11.61
CA LEU A 41 2.64 -8.48 10.70
C LEU A 41 3.95 -9.28 10.77
N ARG A 42 5.04 -8.65 11.08
CA ARG A 42 6.33 -9.38 11.18
C ARG A 42 6.33 -10.28 12.42
N GLU A 43 5.51 -9.97 13.38
CA GLU A 43 5.46 -10.79 14.62
C GLU A 43 4.18 -11.64 14.65
N ALA A 44 3.24 -11.35 13.79
CA ALA A 44 1.96 -12.14 13.79
C ALA A 44 2.25 -13.63 13.69
N ARG A 45 3.00 -14.03 12.70
CA ARG A 45 3.31 -15.48 12.51
C ARG A 45 3.75 -16.11 13.84
N ARG A 46 4.60 -15.44 14.57
CA ARG A 46 5.06 -15.99 15.87
C ARG A 46 5.43 -14.86 16.84
N HIS B 1 -30.36 13.85 -2.11
CA HIS B 1 -29.18 14.51 -1.47
C HIS B 1 -28.65 13.64 -0.32
N MET B 2 -27.92 12.61 -0.63
CA MET B 2 -27.38 11.74 0.45
C MET B 2 -25.87 11.55 0.25
N GLY B 3 -25.47 11.05 -0.88
CA GLY B 3 -24.02 10.84 -1.14
C GLY B 3 -23.77 9.39 -1.60
N HIS B 4 -23.20 9.22 -2.76
CA HIS B 4 -22.93 7.84 -3.26
C HIS B 4 -21.47 7.47 -3.02
N ILE B 5 -20.60 8.44 -2.94
CA ILE B 5 -19.16 8.13 -2.71
C ILE B 5 -18.78 8.44 -1.25
N GLN B 6 -17.88 7.69 -0.70
CA GLN B 6 -17.46 7.94 0.72
C GLN B 6 -16.03 7.44 0.95
N ILE B 7 -15.13 7.80 0.08
CA ILE B 7 -13.71 7.35 0.25
C ILE B 7 -12.77 8.57 0.34
N PRO B 8 -12.05 8.67 1.43
CA PRO B 8 -11.12 9.82 1.62
C PRO B 8 -9.88 9.65 0.72
N PRO B 9 -9.71 10.56 -0.20
CA PRO B 9 -8.55 10.51 -1.12
C PRO B 9 -7.27 10.94 -0.38
N GLY B 10 -6.19 11.08 -1.10
CA GLY B 10 -4.91 11.48 -0.44
C GLY B 10 -4.09 10.25 -0.06
N LEU B 11 -4.71 9.11 -0.01
CA LEU B 11 -3.97 7.86 0.36
C LEU B 11 -3.39 7.21 -0.90
N THR B 12 -3.91 7.54 -2.05
CA THR B 12 -3.39 6.93 -3.31
C THR B 12 -1.93 7.34 -3.54
N GLU B 13 -1.64 8.60 -3.46
CA GLU B 13 -0.24 9.06 -3.66
C GLU B 13 0.72 8.28 -2.78
N LEU B 14 0.29 7.91 -1.60
CA LEU B 14 1.18 7.13 -0.69
C LEU B 14 1.41 5.73 -1.24
N LEU B 15 0.35 5.00 -1.49
CA LEU B 15 0.51 3.62 -2.03
C LEU B 15 1.34 3.65 -3.32
N GLN B 16 1.10 4.62 -4.16
CA GLN B 16 1.89 4.71 -5.43
C GLN B 16 3.38 4.84 -5.10
N GLY B 17 3.70 5.60 -4.08
CA GLY B 17 5.14 5.76 -3.71
C GLY B 17 5.70 4.40 -3.31
N TYR B 18 4.94 3.61 -2.61
CA TYR B 18 5.44 2.27 -2.19
C TYR B 18 5.51 1.34 -3.41
N THR B 19 4.50 1.36 -4.24
CA THR B 19 4.50 0.48 -5.44
C THR B 19 5.79 0.71 -6.24
N VAL B 20 6.26 1.93 -6.28
CA VAL B 20 7.50 2.22 -7.03
C VAL B 20 8.71 1.59 -6.33
N GLU B 21 9.12 2.16 -5.23
CA GLU B 21 10.30 1.60 -4.48
C GLU B 21 10.18 0.08 -4.33
N VAL B 22 9.01 -0.41 -4.01
CA VAL B 22 8.85 -1.89 -3.86
C VAL B 22 9.26 -2.58 -5.17
N LEU B 23 8.96 -1.96 -6.29
CA LEU B 23 9.34 -2.58 -7.59
C LEU B 23 10.74 -2.12 -8.00
N ARG B 24 11.18 -1.01 -7.48
CA ARG B 24 12.55 -0.52 -7.83
C ARG B 24 13.59 -1.15 -6.91
N GLN B 25 13.49 -0.89 -5.64
CA GLN B 25 14.48 -1.48 -4.68
C GLN B 25 14.47 -3.00 -4.77
N GLN B 26 13.33 -3.58 -5.03
CA GLN B 26 13.24 -5.07 -5.13
C GLN B 26 13.89 -5.72 -3.90
N PRO B 27 13.37 -5.41 -2.74
CA PRO B 27 13.93 -5.97 -1.48
C PRO B 27 13.58 -7.46 -1.38
N PRO B 28 14.35 -8.17 -0.58
CA PRO B 28 14.10 -9.61 -0.38
C PRO B 28 12.82 -9.83 0.42
N ASP B 29 12.56 -8.99 1.38
CA ASP B 29 11.32 -9.13 2.20
C ASP B 29 10.56 -7.81 2.21
N LEU B 30 9.35 -7.81 1.73
CA LEU B 30 8.55 -6.55 1.72
C LEU B 30 8.08 -6.20 3.13
N VAL B 31 7.86 -7.19 3.96
CA VAL B 31 7.40 -6.93 5.34
C VAL B 31 8.33 -5.91 6.02
N ASP B 32 9.56 -6.27 6.22
CA ASP B 32 10.52 -5.34 6.86
C ASP B 32 10.60 -4.04 6.07
N PHE B 33 10.64 -4.11 4.76
CA PHE B 33 10.70 -2.87 3.94
C PHE B 33 9.47 -2.01 4.23
N ALA B 34 8.30 -2.58 4.09
CA ALA B 34 7.06 -1.80 4.35
C ALA B 34 7.14 -1.10 5.72
N VAL B 35 7.79 -1.72 6.67
CA VAL B 35 7.90 -1.10 8.01
C VAL B 35 8.99 -0.03 8.01
N GLU B 36 10.10 -0.30 7.38
CA GLU B 36 11.21 0.70 7.34
C GLU B 36 10.78 1.94 6.54
N TYR B 37 10.07 1.76 5.46
CA TYR B 37 9.64 2.93 4.65
C TYR B 37 8.63 3.79 5.43
N PHE B 38 7.46 3.26 5.69
CA PHE B 38 6.44 4.05 6.45
C PHE B 38 7.04 4.62 7.73
N THR B 39 7.71 3.81 8.50
CA THR B 39 8.32 4.32 9.77
C THR B 39 9.21 5.53 9.46
N ARG B 40 9.82 5.56 8.30
CA ARG B 40 10.69 6.72 7.97
C ARG B 40 9.82 7.92 7.58
N LEU B 41 8.67 7.67 7.01
CA LEU B 41 7.76 8.79 6.62
C LEU B 41 7.36 9.59 7.86
N ARG B 42 7.32 8.96 8.99
CA ARG B 42 6.94 9.67 10.24
C ARG B 42 8.02 10.69 10.61
N GLU B 43 9.22 10.50 10.13
CA GLU B 43 10.32 11.45 10.45
C GLU B 43 10.09 12.79 9.73
N ALA B 44 9.44 12.75 8.60
CA ALA B 44 9.19 14.02 7.85
C ALA B 44 8.24 14.93 8.64
N ARG B 45 6.97 14.64 8.59
CA ARG B 45 5.98 15.48 9.32
C ARG B 45 6.17 16.95 8.97
N ARG B 46 5.37 17.81 9.55
CA ARG B 46 5.51 19.27 9.25
C ARG B 46 5.67 20.06 10.55
N LEU C 1 -18.65 -3.57 0.66
CA LEU C 1 -18.86 -2.35 -0.17
C LEU C 1 -17.54 -1.64 -0.40
N LEU C 2 -16.73 -1.51 0.62
CA LEU C 2 -15.41 -0.81 0.45
C LEU C 2 -14.42 -1.74 -0.25
N ILE C 3 -14.64 -3.02 -0.17
CA ILE C 3 -13.71 -3.98 -0.83
C ILE C 3 -13.62 -3.69 -2.33
N GLU C 4 -14.73 -3.73 -3.02
CA GLU C 4 -14.72 -3.46 -4.49
C GLU C 4 -14.03 -2.11 -4.75
N THR C 5 -14.30 -1.13 -3.95
CA THR C 5 -13.67 0.21 -4.16
C THR C 5 -12.15 0.09 -3.99
N ALA C 6 -11.71 -0.77 -3.10
CA ALA C 6 -10.24 -0.92 -2.89
C ALA C 6 -9.63 -1.73 -4.04
N SER C 7 -10.37 -2.65 -4.59
CA SER C 7 -9.83 -3.47 -5.72
C SER C 7 -9.65 -2.60 -6.96
N SER C 8 -10.51 -1.65 -7.16
CA SER C 8 -10.39 -0.77 -8.35
C SER C 8 -9.14 0.11 -8.24
N LEU C 9 -8.79 0.50 -7.05
CA LEU C 9 -7.58 1.35 -6.87
C LEU C 9 -6.32 0.56 -7.20
N VAL C 10 -6.29 -0.70 -6.88
CA VAL C 10 -5.10 -1.53 -7.18
C VAL C 10 -4.79 -1.49 -8.68
N LYS C 11 -5.79 -1.62 -9.50
CA LYS C 11 -5.56 -1.60 -10.98
C LYS C 11 -4.94 -0.25 -11.39
N ASN C 12 -5.58 0.83 -11.05
CA ASN C 12 -5.02 2.17 -11.42
C ASN C 12 -3.64 2.37 -10.79
N ALA C 13 -3.38 1.72 -9.70
CA ALA C 13 -2.05 1.88 -9.04
C ALA C 13 -0.97 1.17 -9.85
N ILE C 14 -1.22 -0.05 -10.25
CA ILE C 14 -0.21 -0.79 -11.05
C ILE C 14 -0.09 -0.20 -12.46
N GLN C 15 -1.11 0.48 -12.91
CA GLN C 15 -1.05 1.08 -14.28
C GLN C 15 -0.31 2.42 -14.24
N LEU C 16 -0.62 3.26 -13.28
CA LEU C 16 0.06 4.58 -13.20
C LEU C 16 1.52 4.39 -12.77
N SER C 17 2.30 3.75 -13.59
CA SER C 17 3.73 3.53 -13.23
C SER C 17 4.46 2.83 -14.39
N ILE C 18 4.15 1.58 -14.62
CA ILE C 18 4.80 0.84 -15.73
C ILE C 18 4.34 1.39 -17.08
N GLU C 19 3.20 2.04 -17.10
CA GLU C 19 2.69 2.59 -18.38
C GLU C 19 3.03 4.08 -18.52
N GLN C 20 3.93 4.56 -17.71
CA GLN C 20 4.30 6.01 -17.79
C GLN C 20 5.82 6.16 -17.75
N LEU C 21 6.46 5.65 -16.73
CA LEU C 21 7.94 5.77 -16.63
C LEU C 21 8.61 4.57 -17.33
N VAL C 22 8.18 4.27 -18.53
CA VAL C 22 8.79 3.12 -19.26
C VAL C 22 9.78 3.63 -20.33
N HIS A 1 9.29 -20.08 -14.69
CA HIS A 1 10.04 -19.23 -13.72
C HIS A 1 11.56 -19.40 -13.94
N MET A 2 12.01 -19.24 -15.15
CA MET A 2 13.47 -19.39 -15.42
C MET A 2 14.27 -18.35 -14.63
N GLY A 3 14.00 -17.09 -14.85
CA GLY A 3 14.74 -16.03 -14.12
C GLY A 3 14.84 -14.77 -14.98
N HIS A 4 13.87 -13.90 -14.88
CA HIS A 4 13.90 -12.65 -15.69
C HIS A 4 13.52 -11.45 -14.84
N ILE A 5 13.14 -10.35 -15.45
CA ILE A 5 12.74 -9.15 -14.67
C ILE A 5 11.25 -8.88 -14.83
N GLN A 6 10.55 -8.72 -13.74
CA GLN A 6 9.08 -8.45 -13.83
C GLN A 6 8.53 -8.09 -12.45
N ILE A 7 7.28 -7.72 -12.37
CA ILE A 7 6.70 -7.37 -11.05
C ILE A 7 6.42 -8.64 -10.23
N PRO A 8 6.83 -8.63 -8.98
CA PRO A 8 6.61 -9.80 -8.12
C PRO A 8 5.14 -9.89 -7.66
N PRO A 9 4.60 -11.08 -7.67
CA PRO A 9 3.19 -11.27 -7.25
C PRO A 9 3.08 -11.15 -5.73
N GLY A 10 1.89 -10.98 -5.23
CA GLY A 10 1.70 -10.86 -3.76
C GLY A 10 1.57 -9.39 -3.37
N LEU A 11 2.26 -8.51 -4.07
CA LEU A 11 2.17 -7.06 -3.75
C LEU A 11 0.71 -6.62 -3.72
N THR A 12 -0.08 -7.01 -4.69
CA THR A 12 -1.51 -6.61 -4.69
C THR A 12 -2.21 -7.12 -3.44
N GLU A 13 -2.00 -8.37 -3.11
CA GLU A 13 -2.64 -8.94 -1.88
C GLU A 13 -2.26 -8.12 -0.65
N LEU A 14 -1.10 -7.52 -0.67
CA LEU A 14 -0.66 -6.71 0.50
C LEU A 14 -1.34 -5.33 0.46
N LEU A 15 -1.39 -4.71 -0.68
CA LEU A 15 -2.04 -3.36 -0.77
C LEU A 15 -3.55 -3.50 -0.61
N GLN A 16 -4.17 -4.38 -1.36
CA GLN A 16 -5.64 -4.55 -1.23
C GLN A 16 -6.03 -4.79 0.22
N GLY A 17 -5.33 -5.67 0.90
CA GLY A 17 -5.65 -5.94 2.33
C GLY A 17 -5.58 -4.63 3.12
N TYR A 18 -4.60 -3.81 2.82
CA TYR A 18 -4.48 -2.51 3.55
C TYR A 18 -5.66 -1.61 3.20
N THR A 19 -6.00 -1.53 1.95
CA THR A 19 -7.15 -0.67 1.54
C THR A 19 -8.41 -1.11 2.27
N VAL A 20 -8.49 -2.35 2.67
CA VAL A 20 -9.69 -2.85 3.39
C VAL A 20 -9.69 -2.31 4.83
N GLU A 21 -8.83 -2.81 5.67
CA GLU A 21 -8.79 -2.34 7.10
C GLU A 21 -8.83 -0.81 7.18
N VAL A 22 -8.10 -0.13 6.34
CA VAL A 22 -8.11 1.36 6.39
C VAL A 22 -9.53 1.88 6.16
N LEU A 23 -10.27 1.23 5.30
CA LEU A 23 -11.67 1.68 5.03
C LEU A 23 -12.60 1.20 6.15
N ARG A 24 -12.20 0.21 6.89
CA ARG A 24 -13.07 -0.30 7.99
C ARG A 24 -12.67 0.35 9.32
N GLN A 25 -11.44 0.18 9.73
CA GLN A 25 -11.00 0.78 11.02
C GLN A 25 -11.08 2.31 10.97
N GLN A 26 -11.08 2.87 9.77
CA GLN A 26 -11.15 4.37 9.60
C GLN A 26 -10.39 5.10 10.72
N PRO A 27 -9.11 4.82 10.80
CA PRO A 27 -8.27 5.46 11.85
C PRO A 27 -8.07 6.96 11.55
N PRO A 28 -7.68 7.70 12.55
CA PRO A 28 -7.46 9.16 12.38
C PRO A 28 -6.22 9.41 11.52
N ASP A 29 -5.14 8.72 11.80
CA ASP A 29 -3.90 8.92 11.01
C ASP A 29 -3.48 7.60 10.35
N LEU A 30 -3.48 7.54 9.06
CA LEU A 30 -3.08 6.28 8.36
C LEU A 30 -1.59 6.04 8.52
N VAL A 31 -0.81 7.09 8.62
CA VAL A 31 0.65 6.92 8.78
C VAL A 31 0.95 5.96 9.93
N ASP A 32 0.60 6.33 11.13
CA ASP A 32 0.84 5.45 12.29
C ASP A 32 0.21 4.08 12.05
N PHE A 33 -0.96 4.05 11.47
CA PHE A 33 -1.63 2.75 11.20
C PHE A 33 -0.78 1.90 10.25
N ALA A 34 -0.27 2.51 9.21
CA ALA A 34 0.57 1.75 8.24
C ALA A 34 1.79 1.17 8.95
N VAL A 35 2.42 1.93 9.81
CA VAL A 35 3.61 1.41 10.54
C VAL A 35 3.18 0.41 11.60
N GLU A 36 1.96 0.51 12.06
CA GLU A 36 1.46 -0.44 13.10
C GLU A 36 1.05 -1.77 12.43
N TYR A 37 0.48 -1.71 11.27
CA TYR A 37 0.05 -2.96 10.58
C TYR A 37 1.26 -3.70 10.01
N PHE A 38 1.97 -3.09 9.12
CA PHE A 38 3.18 -3.75 8.52
C PHE A 38 4.11 -4.27 9.63
N THR A 39 4.46 -3.42 10.57
CA THR A 39 5.36 -3.87 11.67
C THR A 39 4.81 -5.14 12.32
N ARG A 40 3.52 -5.19 12.55
CA ARG A 40 2.93 -6.41 13.18
C ARG A 40 3.01 -7.59 12.21
N LEU A 41 2.96 -7.33 10.94
CA LEU A 41 3.03 -8.45 9.94
C LEU A 41 4.33 -9.23 10.14
N ARG A 42 5.40 -8.56 10.48
CA ARG A 42 6.69 -9.27 10.69
C ARG A 42 6.49 -10.45 11.65
N GLU A 43 5.50 -10.36 12.50
CA GLU A 43 5.23 -11.46 13.46
C GLU A 43 4.01 -12.25 13.01
N ALA A 44 2.87 -11.61 12.93
CA ALA A 44 1.61 -12.30 12.49
C ALA A 44 1.16 -13.33 13.52
N ARG A 45 1.98 -14.31 13.75
CA ARG A 45 1.62 -15.37 14.72
C ARG A 45 1.20 -14.75 16.06
N ARG A 46 0.78 -15.56 17.00
CA ARG A 46 0.36 -15.02 18.32
C ARG A 46 1.54 -15.04 19.29
N HIS B 1 -26.75 17.61 1.29
CA HIS B 1 -25.99 17.41 2.56
C HIS B 1 -26.54 16.20 3.33
N MET B 2 -25.88 15.81 4.38
CA MET B 2 -26.36 14.62 5.16
C MET B 2 -26.54 13.42 4.23
N GLY B 3 -25.49 12.99 3.59
CA GLY B 3 -25.60 11.82 2.68
C GLY B 3 -24.96 10.59 3.33
N HIS B 4 -23.97 10.03 2.69
CA HIS B 4 -23.30 8.83 3.26
C HIS B 4 -21.78 9.05 3.36
N ILE B 5 -21.03 7.99 3.48
CA ILE B 5 -19.55 8.12 3.57
C ILE B 5 -18.92 7.82 2.20
N GLN B 6 -17.83 8.47 1.87
CA GLN B 6 -17.19 8.21 0.56
C GLN B 6 -15.70 7.91 0.73
N ILE B 7 -15.11 7.21 -0.21
CA ILE B 7 -13.66 6.87 -0.11
C ILE B 7 -12.83 8.13 0.25
N PRO B 8 -12.01 8.01 1.26
CA PRO B 8 -11.17 9.16 1.68
C PRO B 8 -10.00 9.34 0.70
N PRO B 9 -9.95 10.47 0.05
CA PRO B 9 -8.85 10.74 -0.92
C PRO B 9 -7.55 11.02 -0.17
N GLY B 10 -6.43 10.76 -0.80
CA GLY B 10 -5.12 11.01 -0.12
C GLY B 10 -4.37 9.69 0.03
N LEU B 11 -5.07 8.59 0.03
CA LEU B 11 -4.39 7.27 0.17
C LEU B 11 -3.66 6.91 -1.12
N THR B 12 -4.29 7.05 -2.25
CA THR B 12 -3.63 6.72 -3.54
C THR B 12 -2.32 7.49 -3.67
N GLU B 13 -2.24 8.65 -3.09
CA GLU B 13 -0.98 9.45 -3.17
C GLU B 13 0.16 8.71 -2.47
N LEU B 14 -0.06 8.25 -1.27
CA LEU B 14 1.01 7.53 -0.53
C LEU B 14 1.28 6.18 -1.20
N LEU B 15 0.29 5.58 -1.79
CA LEU B 15 0.49 4.26 -2.45
C LEU B 15 1.44 4.41 -3.64
N GLN B 16 1.13 5.28 -4.56
CA GLN B 16 2.02 5.48 -5.74
C GLN B 16 3.45 5.74 -5.28
N GLY B 17 3.62 6.61 -4.31
CA GLY B 17 4.99 6.90 -3.82
C GLY B 17 5.68 5.61 -3.37
N TYR B 18 4.93 4.70 -2.80
CA TYR B 18 5.52 3.42 -2.35
C TYR B 18 5.80 2.52 -3.57
N THR B 19 4.88 2.43 -4.48
CA THR B 19 5.10 1.59 -5.69
C THR B 19 6.36 2.04 -6.43
N VAL B 20 6.76 3.27 -6.23
CA VAL B 20 7.98 3.77 -6.92
C VAL B 20 9.24 3.28 -6.19
N GLU B 21 9.50 3.79 -5.01
CA GLU B 21 10.71 3.36 -4.25
C GLU B 21 10.89 1.84 -4.30
N VAL B 22 9.82 1.10 -4.14
CA VAL B 22 9.95 -0.38 -4.19
C VAL B 22 10.35 -0.82 -5.60
N LEU B 23 9.89 -0.13 -6.59
CA LEU B 23 10.24 -0.51 -7.99
C LEU B 23 11.68 -0.07 -8.29
N ARG B 24 12.14 0.97 -7.66
CA ARG B 24 13.53 1.46 -7.91
C ARG B 24 14.49 0.78 -6.94
N GLN B 25 14.38 1.04 -5.66
CA GLN B 25 15.29 0.41 -4.68
C GLN B 25 14.76 -0.97 -4.29
N GLN B 26 14.56 -1.83 -5.26
CA GLN B 26 14.04 -3.21 -4.99
C GLN B 26 14.63 -3.80 -3.71
N PRO B 27 13.86 -3.71 -2.64
CA PRO B 27 14.32 -4.25 -1.34
C PRO B 27 14.26 -5.78 -1.34
N PRO B 28 15.00 -6.37 -0.42
CA PRO B 28 15.01 -7.85 -0.33
C PRO B 28 13.68 -8.35 0.24
N ASP B 29 13.03 -7.55 1.03
CA ASP B 29 11.71 -7.97 1.60
C ASP B 29 10.80 -6.75 1.75
N LEU B 30 9.75 -6.69 0.98
CA LEU B 30 8.81 -5.53 1.09
C LEU B 30 8.31 -5.39 2.52
N VAL B 31 8.13 -6.49 3.21
CA VAL B 31 7.64 -6.42 4.62
C VAL B 31 8.54 -5.48 5.43
N ASP B 32 9.80 -5.75 5.44
CA ASP B 32 10.74 -4.88 6.21
C ASP B 32 10.78 -3.48 5.61
N PHE B 33 10.78 -3.38 4.30
CA PHE B 33 10.81 -2.03 3.66
C PHE B 33 9.55 -1.26 4.03
N ALA B 34 8.41 -1.90 3.97
CA ALA B 34 7.14 -1.21 4.31
C ALA B 34 7.20 -0.67 5.74
N VAL B 35 7.78 -1.41 6.64
CA VAL B 35 7.88 -0.94 8.04
C VAL B 35 9.03 0.07 8.17
N GLU B 36 10.01 -0.02 7.32
CA GLU B 36 11.16 0.92 7.38
C GLU B 36 10.80 2.25 6.71
N TYR B 37 10.05 2.20 5.64
CA TYR B 37 9.68 3.47 4.93
C TYR B 37 8.59 4.21 5.71
N PHE B 38 7.46 3.59 5.90
CA PHE B 38 6.35 4.27 6.63
C PHE B 38 6.82 4.74 8.01
N THR B 39 7.52 3.91 8.75
CA THR B 39 8.00 4.33 10.09
C THR B 39 8.78 5.65 9.98
N ARG B 40 9.70 5.72 9.06
CA ARG B 40 10.50 6.98 8.91
C ARG B 40 9.56 8.17 8.69
N LEU B 41 8.55 8.00 7.88
CA LEU B 41 7.61 9.13 7.64
C LEU B 41 7.06 9.65 8.97
N ARG B 42 6.74 8.76 9.87
CA ARG B 42 6.20 9.21 11.19
C ARG B 42 7.25 10.05 11.92
N GLU B 43 8.50 9.85 11.62
CA GLU B 43 9.57 10.65 12.28
C GLU B 43 9.94 11.86 11.43
N ALA B 44 9.77 11.76 10.14
CA ALA B 44 10.11 12.91 9.25
C ALA B 44 9.03 13.98 9.33
N ARG B 45 7.84 13.67 8.87
CA ARG B 45 6.75 14.68 8.91
C ARG B 45 6.61 15.28 10.33
N ARG B 46 6.04 16.44 10.43
CA ARG B 46 5.88 17.07 11.77
C ARG B 46 4.71 16.43 12.53
N LEU C 1 -19.27 -3.73 -3.53
CA LEU C 1 -18.48 -2.46 -3.53
C LEU C 1 -17.21 -2.63 -2.69
N LEU C 2 -16.43 -1.59 -2.57
CA LEU C 2 -15.16 -1.66 -1.75
C LEU C 2 -14.16 -2.58 -2.44
N ILE C 3 -14.47 -3.85 -2.56
CA ILE C 3 -13.52 -4.79 -3.22
C ILE C 3 -13.36 -4.44 -4.70
N GLU C 4 -14.45 -4.35 -5.42
CA GLU C 4 -14.35 -4.01 -6.87
C GLU C 4 -13.50 -2.75 -7.07
N THR C 5 -13.64 -1.79 -6.19
CA THR C 5 -12.85 -0.54 -6.32
C THR C 5 -11.38 -0.79 -5.99
N ALA C 6 -11.12 -1.44 -4.89
CA ALA C 6 -9.70 -1.72 -4.49
C ALA C 6 -8.98 -2.48 -5.61
N SER C 7 -9.71 -3.20 -6.42
CA SER C 7 -9.05 -3.96 -7.52
C SER C 7 -8.83 -3.06 -8.73
N SER C 8 -9.76 -2.20 -9.02
CA SER C 8 -9.61 -1.29 -10.19
C SER C 8 -8.62 -0.17 -9.86
N LEU C 9 -8.65 0.31 -8.65
CA LEU C 9 -7.72 1.41 -8.26
C LEU C 9 -6.27 0.89 -8.27
N VAL C 10 -6.00 -0.14 -7.52
CA VAL C 10 -4.62 -0.70 -7.49
C VAL C 10 -4.11 -0.95 -8.90
N LYS C 11 -4.99 -1.23 -9.82
CA LYS C 11 -4.56 -1.49 -11.22
C LYS C 11 -4.01 -0.21 -11.85
N ASN C 12 -4.72 0.87 -11.74
CA ASN C 12 -4.23 2.15 -12.33
C ASN C 12 -3.46 2.98 -11.29
N ALA C 13 -3.34 2.48 -10.09
CA ALA C 13 -2.60 3.25 -9.03
C ALA C 13 -1.25 2.59 -8.74
N ILE C 14 -1.07 1.37 -9.18
CA ILE C 14 0.23 0.67 -8.91
C ILE C 14 0.91 0.30 -10.23
N GLN C 15 0.14 -0.06 -11.22
CA GLN C 15 0.74 -0.45 -12.53
C GLN C 15 0.49 0.66 -13.57
N LEU C 16 0.39 1.88 -13.13
CA LEU C 16 0.15 3.00 -14.08
C LEU C 16 1.39 3.27 -14.93
N SER C 17 2.53 2.80 -14.51
CA SER C 17 3.78 3.03 -15.29
C SER C 17 4.31 1.71 -15.85
N ILE C 18 4.57 0.76 -15.00
CA ILE C 18 5.09 -0.55 -15.48
C ILE C 18 4.16 -1.13 -16.53
N GLU C 19 2.89 -0.86 -16.44
CA GLU C 19 1.92 -1.39 -17.44
C GLU C 19 1.30 -0.24 -18.25
N GLN C 20 2.11 0.57 -18.86
CA GLN C 20 1.56 1.70 -19.66
C GLN C 20 2.67 2.35 -20.49
N LEU C 21 3.85 2.47 -19.95
CA LEU C 21 4.97 3.10 -20.72
C LEU C 21 5.79 2.00 -21.41
N VAL C 22 5.17 0.91 -21.76
CA VAL C 22 5.92 -0.19 -22.44
C VAL C 22 5.40 -0.38 -23.87
N HIS A 1 20.48 -6.84 -20.07
CA HIS A 1 19.32 -6.72 -19.15
C HIS A 1 18.01 -6.95 -19.91
N MET A 2 17.96 -7.97 -20.73
CA MET A 2 16.71 -8.25 -21.50
C MET A 2 15.97 -9.43 -20.89
N GLY A 3 15.25 -9.21 -19.82
CA GLY A 3 14.49 -10.33 -19.19
C GLY A 3 12.98 -10.08 -19.34
N HIS A 4 12.22 -10.40 -18.33
CA HIS A 4 10.75 -10.17 -18.43
C HIS A 4 10.26 -9.37 -17.22
N ILE A 5 9.17 -8.66 -17.37
CA ILE A 5 8.64 -7.85 -16.23
C ILE A 5 7.27 -8.38 -15.79
N GLN A 6 7.06 -8.54 -14.51
CA GLN A 6 5.74 -9.05 -14.03
C GLN A 6 5.36 -8.37 -12.71
N ILE A 7 4.17 -8.61 -12.24
CA ILE A 7 3.73 -7.99 -10.96
C ILE A 7 3.14 -9.04 -10.02
N PRO A 8 3.72 -9.16 -8.84
CA PRO A 8 3.23 -10.16 -7.85
C PRO A 8 1.92 -9.68 -7.21
N PRO A 9 0.87 -10.46 -7.38
CA PRO A 9 -0.44 -10.08 -6.80
C PRO A 9 -0.49 -10.35 -5.29
N GLY A 10 0.57 -10.85 -4.74
CA GLY A 10 0.59 -11.14 -3.28
C GLY A 10 0.47 -9.84 -2.48
N LEU A 11 0.76 -8.72 -3.11
CA LEU A 11 0.66 -7.42 -2.38
C LEU A 11 -0.78 -6.90 -2.40
N THR A 12 -1.55 -7.31 -3.36
CA THR A 12 -2.96 -6.82 -3.44
C THR A 12 -3.71 -7.10 -2.13
N GLU A 13 -3.75 -8.34 -1.73
CA GLU A 13 -4.46 -8.69 -0.45
C GLU A 13 -3.88 -7.89 0.72
N LEU A 14 -2.58 -7.88 0.86
CA LEU A 14 -1.96 -7.13 1.99
C LEU A 14 -2.50 -5.70 2.06
N LEU A 15 -2.34 -4.95 1.01
CA LEU A 15 -2.84 -3.54 1.02
C LEU A 15 -4.35 -3.51 1.34
N GLN A 16 -5.13 -4.31 0.67
CA GLN A 16 -6.60 -4.33 0.94
C GLN A 16 -6.85 -4.48 2.44
N GLY A 17 -6.22 -5.43 3.08
CA GLY A 17 -6.43 -5.62 4.54
C GLY A 17 -6.12 -4.30 5.26
N TYR A 18 -5.12 -3.59 4.82
CA TYR A 18 -4.78 -2.30 5.47
C TYR A 18 -5.90 -1.29 5.20
N THR A 19 -6.28 -1.13 3.97
CA THR A 19 -7.37 -0.17 3.64
C THR A 19 -8.63 -0.51 4.43
N VAL A 20 -8.84 -1.77 4.67
CA VAL A 20 -10.06 -2.19 5.43
C VAL A 20 -10.01 -1.62 6.86
N GLU A 21 -9.16 -2.17 7.70
CA GLU A 21 -9.07 -1.68 9.11
C GLU A 21 -9.02 -0.14 9.16
N VAL A 22 -8.28 0.47 8.29
CA VAL A 22 -8.21 1.97 8.30
C VAL A 22 -9.62 2.56 8.27
N LEU A 23 -10.42 2.16 7.31
CA LEU A 23 -11.80 2.70 7.21
C LEU A 23 -12.56 2.43 8.52
N ARG A 24 -12.30 1.31 9.15
CA ARG A 24 -13.00 0.98 10.43
C ARG A 24 -12.39 1.78 11.59
N GLN A 25 -11.14 1.56 11.88
CA GLN A 25 -10.49 2.31 13.00
C GLN A 25 -10.58 3.81 12.75
N GLN A 26 -10.40 4.23 11.53
CA GLN A 26 -10.46 5.69 11.22
C GLN A 26 -9.53 6.47 12.15
N PRO A 27 -8.28 6.09 12.15
CA PRO A 27 -7.27 6.78 13.02
C PRO A 27 -7.02 8.21 12.52
N PRO A 28 -6.48 9.02 13.39
CA PRO A 28 -6.18 10.43 13.02
C PRO A 28 -5.00 10.48 12.05
N ASP A 29 -4.06 9.59 12.20
CA ASP A 29 -2.88 9.60 11.29
C ASP A 29 -2.64 8.19 10.73
N LEU A 30 -2.70 8.05 9.43
CA LEU A 30 -2.48 6.71 8.83
C LEU A 30 -0.99 6.37 8.84
N VAL A 31 -0.14 7.35 8.67
CA VAL A 31 1.32 7.10 8.68
C VAL A 31 1.70 6.33 9.95
N ASP A 32 1.41 6.89 11.08
CA ASP A 32 1.74 6.22 12.37
C ASP A 32 1.03 4.86 12.43
N PHE A 33 -0.19 4.79 11.98
CA PHE A 33 -0.91 3.49 12.00
C PHE A 33 -0.18 2.47 11.13
N ALA A 34 0.17 2.85 9.93
CA ALA A 34 0.89 1.92 9.02
C ALA A 34 2.14 1.37 9.72
N VAL A 35 2.81 2.19 10.49
CA VAL A 35 4.03 1.71 11.19
C VAL A 35 3.65 0.73 12.30
N GLU A 36 2.54 0.95 12.95
CA GLU A 36 2.12 0.04 14.04
C GLU A 36 1.39 -1.17 13.46
N TYR A 37 0.89 -1.08 12.26
CA TYR A 37 0.17 -2.23 11.65
C TYR A 37 1.15 -3.33 11.24
N PHE A 38 2.06 -3.03 10.34
CA PHE A 38 3.04 -4.06 9.90
C PHE A 38 3.99 -4.42 11.03
N THR A 39 4.50 -3.45 11.74
CA THR A 39 5.45 -3.75 12.86
C THR A 39 4.82 -4.77 13.81
N ARG A 40 3.54 -4.65 14.07
CA ARG A 40 2.87 -5.62 14.98
C ARG A 40 2.68 -6.97 14.27
N LEU A 41 2.43 -6.94 13.00
CA LEU A 41 2.23 -8.22 12.25
C LEU A 41 3.52 -9.03 12.22
N ARG A 42 4.63 -8.39 12.45
CA ARG A 42 5.93 -9.13 12.43
C ARG A 42 6.17 -9.80 13.79
N GLU A 43 5.52 -9.33 14.83
CA GLU A 43 5.71 -9.94 16.17
C GLU A 43 4.49 -10.81 16.55
N ALA A 44 3.47 -10.81 15.74
CA ALA A 44 2.27 -11.63 16.06
C ALA A 44 2.17 -12.82 15.12
N ARG A 45 1.75 -12.59 13.90
CA ARG A 45 1.62 -13.70 12.93
C ARG A 45 2.96 -14.44 12.79
N ARG A 46 2.92 -15.67 12.34
CA ARG A 46 4.20 -16.43 12.18
C ARG A 46 4.34 -16.92 10.74
N HIS B 1 -13.58 5.81 -9.82
CA HIS B 1 -14.10 7.11 -10.34
C HIS B 1 -15.05 7.74 -9.31
N MET B 2 -16.25 7.21 -9.21
CA MET B 2 -17.23 7.78 -8.23
C MET B 2 -17.31 6.88 -6.99
N GLY B 3 -16.88 7.37 -5.86
CA GLY B 3 -16.94 6.55 -4.62
C GLY B 3 -16.63 7.43 -3.41
N HIS B 4 -17.33 8.52 -3.26
CA HIS B 4 -17.07 9.42 -2.10
C HIS B 4 -18.15 9.25 -1.03
N ILE B 5 -18.38 8.03 -0.60
CA ILE B 5 -19.42 7.81 0.45
C ILE B 5 -18.77 7.42 1.78
N GLN B 6 -17.50 7.11 1.77
CA GLN B 6 -16.79 6.73 3.03
C GLN B 6 -15.33 6.40 2.74
N ILE B 7 -14.73 7.07 1.78
CA ILE B 7 -13.31 6.79 1.46
C ILE B 7 -12.60 8.08 1.03
N PRO B 8 -11.85 8.66 1.94
CA PRO B 8 -11.12 9.92 1.64
C PRO B 8 -9.91 9.62 0.72
N PRO B 9 -9.70 10.50 -0.23
CA PRO B 9 -8.56 10.33 -1.17
C PRO B 9 -7.24 10.65 -0.48
N GLY B 10 -6.15 10.12 -0.97
CA GLY B 10 -4.84 10.40 -0.34
C GLY B 10 -4.04 9.11 -0.21
N LEU B 11 -4.71 8.00 -0.05
CA LEU B 11 -3.98 6.70 0.07
C LEU B 11 -3.54 6.21 -1.30
N THR B 12 -4.20 6.66 -2.34
CA THR B 12 -3.81 6.23 -3.71
C THR B 12 -2.33 6.50 -3.97
N GLU B 13 -1.85 7.63 -3.54
CA GLU B 13 -0.40 7.95 -3.76
C GLU B 13 0.45 7.25 -2.71
N LEU B 14 -0.03 7.13 -1.51
CA LEU B 14 0.77 6.44 -0.44
C LEU B 14 0.95 4.96 -0.80
N LEU B 15 -0.12 4.28 -1.13
CA LEU B 15 0.00 2.84 -1.49
C LEU B 15 0.88 2.67 -2.73
N GLN B 16 0.59 3.39 -3.78
CA GLN B 16 1.41 3.27 -5.02
C GLN B 16 2.89 3.41 -4.69
N GLY B 17 3.23 4.33 -3.81
CA GLY B 17 4.67 4.52 -3.45
C GLY B 17 5.22 3.19 -2.91
N TYR B 18 4.55 2.60 -1.96
CA TYR B 18 5.04 1.31 -1.40
C TYR B 18 5.25 0.29 -2.52
N THR B 19 4.38 0.28 -3.48
CA THR B 19 4.52 -0.69 -4.61
C THR B 19 5.70 -0.31 -5.50
N VAL B 20 5.97 0.96 -5.63
CA VAL B 20 7.10 1.40 -6.48
C VAL B 20 8.44 1.03 -5.83
N GLU B 21 8.43 0.74 -4.56
CA GLU B 21 9.71 0.38 -3.87
C GLU B 21 9.89 -1.14 -3.89
N VAL B 22 8.94 -1.85 -3.35
CA VAL B 22 9.03 -3.34 -3.33
C VAL B 22 9.36 -3.87 -4.74
N LEU B 23 9.01 -3.14 -5.76
CA LEU B 23 9.31 -3.60 -7.14
C LEU B 23 10.73 -3.19 -7.53
N ARG B 24 11.10 -1.96 -7.31
CA ARG B 24 12.47 -1.52 -7.66
C ARG B 24 13.49 -2.12 -6.69
N GLN B 25 13.45 -1.73 -5.45
CA GLN B 25 14.42 -2.29 -4.46
C GLN B 25 13.82 -3.53 -3.79
N GLN B 26 13.50 -4.54 -4.57
CA GLN B 26 12.90 -5.79 -4.02
C GLN B 26 13.53 -6.18 -2.68
N PRO B 27 12.85 -5.84 -1.61
CA PRO B 27 13.36 -6.17 -0.25
C PRO B 27 13.11 -7.64 0.08
N PRO B 28 13.80 -8.13 1.09
CA PRO B 28 13.64 -9.54 1.51
C PRO B 28 12.29 -9.77 2.18
N ASP B 29 11.96 -8.99 3.17
CA ASP B 29 10.65 -9.17 3.86
C ASP B 29 9.78 -7.92 3.69
N LEU B 30 8.66 -8.05 3.03
CA LEU B 30 7.77 -6.87 2.84
C LEU B 30 7.33 -6.31 4.19
N VAL B 31 6.92 -7.16 5.09
CA VAL B 31 6.48 -6.68 6.44
C VAL B 31 7.54 -5.76 7.03
N ASP B 32 8.72 -6.27 7.28
CA ASP B 32 9.79 -5.43 7.85
C ASP B 32 10.06 -4.24 6.94
N PHE B 33 9.92 -4.42 5.65
CA PHE B 33 10.15 -3.29 4.71
C PHE B 33 9.08 -2.22 4.91
N ALA B 34 7.83 -2.61 4.89
CA ALA B 34 6.73 -1.62 5.09
C ALA B 34 6.96 -0.85 6.38
N VAL B 35 7.55 -1.47 7.37
CA VAL B 35 7.80 -0.77 8.66
C VAL B 35 8.91 0.26 8.48
N GLU B 36 9.92 -0.06 7.71
CA GLU B 36 11.04 0.92 7.52
C GLU B 36 10.58 2.06 6.60
N TYR B 37 9.73 1.77 5.65
CA TYR B 37 9.25 2.84 4.72
C TYR B 37 8.32 3.80 5.46
N PHE B 38 7.18 3.33 5.87
CA PHE B 38 6.22 4.22 6.60
C PHE B 38 6.92 4.92 7.76
N THR B 39 7.56 4.18 8.62
CA THR B 39 8.27 4.82 9.77
C THR B 39 9.18 5.94 9.27
N ARG B 40 9.71 5.80 8.09
CA ARG B 40 10.60 6.85 7.54
C ARG B 40 9.75 7.98 6.93
N LEU B 41 8.58 7.66 6.46
CA LEU B 41 7.71 8.71 5.85
C LEU B 41 7.52 9.87 6.83
N ARG B 42 7.28 9.57 8.08
CA ARG B 42 7.07 10.65 9.09
C ARG B 42 8.23 11.66 9.03
N GLU B 43 9.40 11.21 8.67
CA GLU B 43 10.57 12.15 8.61
C GLU B 43 10.82 12.60 7.17
N ALA B 44 10.24 11.94 6.21
CA ALA B 44 10.46 12.34 4.79
C ALA B 44 10.00 13.78 4.56
N ARG B 45 8.72 13.97 4.45
CA ARG B 45 8.20 15.35 4.20
C ARG B 45 8.76 16.32 5.24
N ARG B 46 9.02 15.86 6.44
CA ARG B 46 9.57 16.76 7.49
C ARG B 46 10.92 17.32 7.06
N LEU C 1 -20.30 -2.77 0.86
CA LEU C 1 -19.44 -1.63 0.45
C LEU C 1 -17.96 -1.96 0.72
N LEU C 2 -17.10 -0.98 0.63
CA LEU C 2 -15.64 -1.22 0.87
C LEU C 2 -15.07 -2.17 -0.19
N ILE C 3 -15.39 -3.43 -0.11
CA ILE C 3 -14.86 -4.40 -1.11
C ILE C 3 -15.21 -3.95 -2.54
N GLU C 4 -16.23 -3.15 -2.69
CA GLU C 4 -16.60 -2.68 -4.06
C GLU C 4 -15.80 -1.43 -4.45
N THR C 5 -14.94 -0.96 -3.59
CA THR C 5 -14.14 0.25 -3.95
C THR C 5 -12.64 -0.03 -3.79
N ALA C 6 -12.28 -0.84 -2.84
CA ALA C 6 -10.83 -1.15 -2.64
C ALA C 6 -10.33 -2.06 -3.76
N SER C 7 -11.13 -3.00 -4.19
CA SER C 7 -10.70 -3.93 -5.28
C SER C 7 -10.42 -3.14 -6.57
N SER C 8 -11.29 -2.25 -6.93
CA SER C 8 -11.08 -1.47 -8.18
C SER C 8 -9.97 -0.43 -7.98
N LEU C 9 -9.74 -0.02 -6.76
CA LEU C 9 -8.66 0.98 -6.51
C LEU C 9 -7.30 0.41 -6.92
N VAL C 10 -6.97 -0.77 -6.46
CA VAL C 10 -5.66 -1.37 -6.83
C VAL C 10 -5.51 -1.42 -8.36
N LYS C 11 -6.51 -1.89 -9.05
CA LYS C 11 -6.42 -1.96 -10.54
C LYS C 11 -6.04 -0.59 -11.11
N ASN C 12 -6.67 0.46 -10.65
CA ASN C 12 -6.35 1.82 -11.16
C ASN C 12 -4.99 2.28 -10.63
N ALA C 13 -4.52 1.67 -9.57
CA ALA C 13 -3.20 2.09 -8.99
C ALA C 13 -2.11 1.07 -9.35
N ILE C 14 -2.42 0.08 -10.14
CA ILE C 14 -1.39 -0.93 -10.49
C ILE C 14 -1.17 -0.98 -12.02
N GLN C 15 -2.07 -0.43 -12.78
CA GLN C 15 -1.90 -0.43 -14.26
C GLN C 15 -1.20 0.84 -14.72
N LEU C 16 -1.54 1.96 -14.15
CA LEU C 16 -0.88 3.23 -14.56
C LEU C 16 0.64 3.11 -14.40
N SER C 17 1.34 4.20 -14.52
CA SER C 17 2.83 4.17 -14.39
C SER C 17 3.44 3.19 -15.40
N ILE C 18 3.46 1.92 -15.10
CA ILE C 18 4.05 0.94 -16.06
C ILE C 18 3.28 0.98 -17.38
N GLU C 19 1.99 1.22 -17.32
CA GLU C 19 1.18 1.27 -18.57
C GLU C 19 0.84 2.73 -18.91
N GLN C 20 1.56 3.66 -18.36
CA GLN C 20 1.27 5.10 -18.65
C GLN C 20 2.50 5.77 -19.27
N LEU C 21 3.67 5.44 -18.78
CA LEU C 21 4.91 6.06 -19.34
C LEU C 21 5.50 5.16 -20.43
N VAL C 22 5.30 3.88 -20.33
CA VAL C 22 5.85 2.95 -21.37
C VAL C 22 4.89 2.88 -22.56
N HIS A 1 6.62 -20.05 -17.85
CA HIS A 1 8.05 -20.44 -17.76
C HIS A 1 8.92 -19.44 -18.52
N MET A 2 8.60 -19.20 -19.77
CA MET A 2 9.41 -18.23 -20.56
C MET A 2 8.67 -16.91 -20.71
N GLY A 3 8.08 -16.43 -19.65
CA GLY A 3 7.34 -15.14 -19.71
C GLY A 3 7.26 -14.53 -18.31
N HIS A 4 8.06 -13.53 -18.04
CA HIS A 4 8.03 -12.91 -16.70
C HIS A 4 7.53 -11.45 -16.78
N ILE A 5 7.27 -10.85 -15.66
CA ILE A 5 6.78 -9.43 -15.67
C ILE A 5 7.55 -8.62 -14.62
N GLN A 6 7.36 -7.33 -14.60
CA GLN A 6 8.09 -6.49 -13.60
C GLN A 6 7.17 -6.17 -12.41
N ILE A 7 6.28 -7.07 -12.10
CA ILE A 7 5.37 -6.84 -10.94
C ILE A 7 5.26 -8.11 -10.09
N PRO A 8 5.93 -8.11 -8.97
CA PRO A 8 5.92 -9.29 -8.07
C PRO A 8 4.54 -9.43 -7.40
N PRO A 9 4.01 -10.63 -7.40
CA PRO A 9 2.68 -10.88 -6.77
C PRO A 9 2.81 -10.86 -5.24
N GLY A 10 1.70 -10.95 -4.55
CA GLY A 10 1.75 -10.94 -3.06
C GLY A 10 1.55 -9.52 -2.54
N LEU A 11 1.80 -8.53 -3.36
CA LEU A 11 1.61 -7.12 -2.91
C LEU A 11 0.12 -6.80 -2.75
N THR A 12 -0.71 -7.44 -3.52
CA THR A 12 -2.18 -7.17 -3.42
C THR A 12 -2.68 -7.54 -2.02
N GLU A 13 -2.56 -8.78 -1.64
CA GLU A 13 -3.04 -9.20 -0.29
C GLU A 13 -2.44 -8.29 0.79
N LEU A 14 -1.32 -7.69 0.53
CA LEU A 14 -0.69 -6.78 1.54
C LEU A 14 -1.38 -5.42 1.54
N LEU A 15 -1.53 -4.82 0.39
CA LEU A 15 -2.19 -3.48 0.33
C LEU A 15 -3.68 -3.61 0.63
N GLN A 16 -4.36 -4.51 -0.04
CA GLN A 16 -5.81 -4.69 0.20
C GLN A 16 -6.06 -5.00 1.68
N GLY A 17 -5.25 -5.84 2.27
CA GLY A 17 -5.44 -6.18 3.70
C GLY A 17 -5.36 -4.91 4.55
N TYR A 18 -4.43 -4.05 4.25
CA TYR A 18 -4.29 -2.79 5.03
C TYR A 18 -5.49 -1.87 4.77
N THR A 19 -5.89 -1.75 3.52
CA THR A 19 -7.05 -0.88 3.21
C THR A 19 -8.30 -1.36 3.95
N VAL A 20 -8.37 -2.63 4.25
CA VAL A 20 -9.55 -3.16 4.98
C VAL A 20 -9.48 -2.76 6.46
N GLU A 21 -8.57 -3.36 7.20
CA GLU A 21 -8.45 -3.03 8.65
C GLU A 21 -8.46 -1.52 8.88
N VAL A 22 -7.72 -0.77 8.10
CA VAL A 22 -7.70 0.71 8.30
C VAL A 22 -9.13 1.26 8.24
N LEU A 23 -9.82 1.03 7.16
CA LEU A 23 -11.22 1.55 7.03
C LEU A 23 -12.15 0.83 8.02
N ARG A 24 -11.72 -0.28 8.56
CA ARG A 24 -12.59 -1.01 9.52
C ARG A 24 -12.53 -0.37 10.91
N GLN A 25 -11.36 -0.30 11.48
CA GLN A 25 -11.24 0.31 12.84
C GLN A 25 -11.19 1.84 12.74
N GLN A 26 -10.81 2.35 11.60
CA GLN A 26 -10.75 3.83 11.44
C GLN A 26 -9.89 4.45 12.55
N PRO A 27 -8.58 4.29 12.42
CA PRO A 27 -7.66 4.84 13.44
C PRO A 27 -7.60 6.36 13.34
N PRO A 28 -7.21 6.99 14.42
CA PRO A 28 -7.11 8.47 14.45
C PRO A 28 -5.94 8.93 13.56
N ASP A 29 -4.97 8.07 13.37
CA ASP A 29 -3.80 8.45 12.52
C ASP A 29 -3.34 7.23 11.71
N LEU A 30 -3.40 7.32 10.42
CA LEU A 30 -2.97 6.16 9.56
C LEU A 30 -1.45 6.04 9.58
N VAL A 31 -0.75 7.14 9.56
CA VAL A 31 0.74 7.09 9.58
C VAL A 31 1.22 6.17 10.70
N ASP A 32 0.91 6.52 11.92
CA ASP A 32 1.35 5.67 13.07
C ASP A 32 0.80 4.26 12.91
N PHE A 33 -0.37 4.10 12.36
CA PHE A 33 -0.92 2.73 12.19
C PHE A 33 -0.08 1.96 11.17
N ALA A 34 0.27 2.60 10.08
CA ALA A 34 1.11 1.90 9.05
C ALA A 34 2.41 1.39 9.68
N VAL A 35 3.01 2.17 10.54
CA VAL A 35 4.27 1.73 11.18
C VAL A 35 3.98 0.68 12.26
N GLU A 36 2.81 0.71 12.82
CA GLU A 36 2.47 -0.27 13.88
C GLU A 36 2.02 -1.60 13.22
N TYR A 37 1.23 -1.52 12.18
CA TYR A 37 0.78 -2.78 11.51
C TYR A 37 1.94 -3.47 10.80
N PHE A 38 2.57 -2.80 9.88
CA PHE A 38 3.71 -3.42 9.15
C PHE A 38 4.77 -3.93 10.15
N THR A 39 5.21 -3.10 11.05
CA THR A 39 6.23 -3.53 12.04
C THR A 39 5.75 -4.82 12.74
N ARG A 40 4.46 -5.01 12.85
CA ARG A 40 3.95 -6.23 13.51
C ARG A 40 4.15 -7.45 12.61
N LEU A 41 4.19 -7.23 11.31
CA LEU A 41 4.38 -8.37 10.38
C LEU A 41 5.85 -8.80 10.37
N ARG A 42 6.75 -7.86 10.50
CA ARG A 42 8.19 -8.22 10.50
C ARG A 42 8.46 -9.26 11.59
N GLU A 43 7.67 -9.23 12.64
CA GLU A 43 7.85 -10.23 13.73
C GLU A 43 6.84 -11.35 13.57
N ALA A 44 5.57 -11.03 13.60
CA ALA A 44 4.51 -12.07 13.44
C ALA A 44 4.51 -13.01 14.63
N ARG A 45 5.52 -13.83 14.72
CA ARG A 45 5.65 -14.80 15.84
C ARG A 45 4.30 -15.45 16.17
N ARG A 46 3.99 -16.56 15.54
CA ARG A 46 2.70 -17.24 15.82
C ARG A 46 2.93 -18.71 16.20
N HIS B 1 -22.54 17.03 -10.98
CA HIS B 1 -21.08 17.23 -11.21
C HIS B 1 -20.27 16.22 -10.39
N MET B 2 -20.56 14.96 -10.54
CA MET B 2 -19.81 13.92 -9.78
C MET B 2 -18.62 13.42 -10.58
N GLY B 3 -17.88 12.48 -10.06
CA GLY B 3 -16.70 11.96 -10.80
C GLY B 3 -16.49 10.47 -10.47
N HIS B 4 -15.65 10.18 -9.53
CA HIS B 4 -15.40 8.76 -9.16
C HIS B 4 -15.89 8.48 -7.73
N ILE B 5 -15.85 7.25 -7.32
CA ILE B 5 -16.30 6.92 -5.93
C ILE B 5 -15.17 6.26 -5.15
N GLN B 6 -14.88 6.72 -3.97
CA GLN B 6 -13.77 6.12 -3.18
C GLN B 6 -14.08 6.18 -1.68
N ILE B 7 -13.92 5.08 -0.99
CA ILE B 7 -14.21 5.08 0.47
C ILE B 7 -13.11 5.84 1.26
N PRO B 8 -11.90 5.35 1.15
CA PRO B 8 -10.75 5.99 1.85
C PRO B 8 -10.42 7.34 1.20
N PRO B 9 -10.66 8.41 1.93
CA PRO B 9 -10.37 9.76 1.40
C PRO B 9 -8.91 10.16 1.66
N GLY B 10 -8.20 10.50 0.62
CA GLY B 10 -6.78 10.93 0.80
C GLY B 10 -5.89 9.73 1.13
N LEU B 11 -6.42 8.54 1.16
CA LEU B 11 -5.58 7.35 1.47
C LEU B 11 -5.00 6.75 0.19
N THR B 12 -5.68 6.89 -0.91
CA THR B 12 -5.16 6.34 -2.19
C THR B 12 -3.79 6.92 -2.51
N GLU B 13 -3.61 8.18 -2.25
CA GLU B 13 -2.30 8.83 -2.54
C GLU B 13 -1.20 8.16 -1.72
N LEU B 14 -1.48 7.83 -0.48
CA LEU B 14 -0.45 7.18 0.37
C LEU B 14 -0.01 5.85 -0.25
N LEU B 15 -0.94 5.09 -0.76
CA LEU B 15 -0.58 3.78 -1.38
C LEU B 15 0.07 4.02 -2.75
N GLN B 16 -0.49 4.89 -3.53
CA GLN B 16 0.10 5.18 -4.88
C GLN B 16 1.58 5.55 -4.73
N GLY B 17 1.92 6.28 -3.71
CA GLY B 17 3.34 6.67 -3.51
C GLY B 17 4.17 5.43 -3.18
N TYR B 18 3.73 4.65 -2.24
CA TYR B 18 4.49 3.42 -1.86
C TYR B 18 4.61 2.49 -3.07
N THR B 19 3.60 2.44 -3.90
CA THR B 19 3.66 1.56 -5.10
C THR B 19 4.78 2.00 -6.05
N VAL B 20 5.03 3.28 -6.13
CA VAL B 20 6.11 3.77 -7.03
C VAL B 20 7.50 3.48 -6.43
N GLU B 21 7.56 3.31 -5.13
CA GLU B 21 8.88 3.02 -4.48
C GLU B 21 9.09 1.51 -4.47
N VAL B 22 8.13 0.80 -3.95
CA VAL B 22 8.24 -0.70 -3.90
C VAL B 22 8.61 -1.25 -5.28
N LEU B 23 8.18 -0.59 -6.33
CA LEU B 23 8.52 -1.06 -7.70
C LEU B 23 9.87 -0.50 -8.14
N ARG B 24 10.15 0.74 -7.80
CA ARG B 24 11.44 1.35 -8.20
C ARG B 24 12.57 0.82 -7.30
N GLN B 25 12.40 0.91 -6.01
CA GLN B 25 13.47 0.41 -5.08
C GLN B 25 13.65 -1.10 -5.25
N GLN B 26 12.57 -1.83 -5.40
CA GLN B 26 12.69 -3.30 -5.56
C GLN B 26 13.55 -3.89 -4.43
N PRO B 27 13.15 -3.62 -3.21
CA PRO B 27 13.91 -4.13 -2.04
C PRO B 27 13.76 -5.65 -1.91
N PRO B 28 14.69 -6.25 -1.21
CA PRO B 28 14.65 -7.72 -1.02
C PRO B 28 13.49 -8.10 -0.10
N ASP B 29 13.03 -7.18 0.70
CA ASP B 29 11.89 -7.48 1.62
C ASP B 29 10.94 -6.29 1.68
N LEU B 30 9.73 -6.47 1.23
CA LEU B 30 8.74 -5.35 1.26
C LEU B 30 8.29 -5.09 2.70
N VAL B 31 8.22 -6.12 3.50
CA VAL B 31 7.79 -5.95 4.92
C VAL B 31 8.71 -4.94 5.61
N ASP B 32 9.96 -5.29 5.77
CA ASP B 32 10.92 -4.37 6.43
C ASP B 32 10.94 -3.02 5.71
N PHE B 33 10.72 -3.03 4.42
CA PHE B 33 10.71 -1.75 3.67
C PHE B 33 9.49 -0.92 4.06
N ALA B 34 8.35 -1.54 4.13
CA ALA B 34 7.12 -0.80 4.52
C ALA B 34 7.29 -0.15 5.91
N VAL B 35 7.96 -0.84 6.80
CA VAL B 35 8.17 -0.27 8.16
C VAL B 35 9.21 0.86 8.12
N GLU B 36 10.31 0.64 7.45
CA GLU B 36 11.35 1.70 7.37
C GLU B 36 10.78 2.96 6.71
N TYR B 37 10.05 2.81 5.64
CA TYR B 37 9.48 4.00 4.96
C TYR B 37 8.47 4.71 5.86
N PHE B 38 7.36 4.08 6.13
CA PHE B 38 6.33 4.73 7.00
C PHE B 38 6.96 5.23 8.31
N THR B 39 7.72 4.41 8.97
CA THR B 39 8.35 4.86 10.25
C THR B 39 9.09 6.18 10.04
N ARG B 40 9.65 6.37 8.87
CA ARG B 40 10.38 7.65 8.60
C ARG B 40 9.38 8.81 8.56
N LEU B 41 8.25 8.61 7.94
CA LEU B 41 7.24 9.72 7.86
C LEU B 41 6.91 10.21 9.27
N ARG B 42 7.03 9.34 10.25
CA ARG B 42 6.72 9.75 11.64
C ARG B 42 7.89 10.55 12.24
N GLU B 43 9.05 10.42 11.67
CA GLU B 43 10.23 11.16 12.19
C GLU B 43 10.74 12.18 11.16
N ALA B 44 9.99 12.43 10.13
CA ALA B 44 10.44 13.42 9.11
C ALA B 44 10.14 14.84 9.56
N ARG B 45 8.88 15.21 9.57
CA ARG B 45 8.50 16.59 9.98
C ARG B 45 9.18 16.96 11.30
N ARG B 46 9.73 18.15 11.38
CA ARG B 46 10.39 18.58 12.65
C ARG B 46 11.40 17.51 13.11
N LEU C 1 -19.75 -3.15 -0.73
CA LEU C 1 -18.83 -3.47 0.41
C LEU C 1 -17.45 -2.87 0.15
N LEU C 2 -16.46 -3.31 0.88
CA LEU C 2 -15.09 -2.76 0.69
C LEU C 2 -14.25 -3.72 -0.15
N ILE C 3 -14.62 -4.98 -0.20
CA ILE C 3 -13.84 -5.96 -1.00
C ILE C 3 -13.89 -5.60 -2.48
N GLU C 4 -15.02 -5.14 -2.95
CA GLU C 4 -15.14 -4.77 -4.39
C GLU C 4 -14.25 -3.56 -4.71
N THR C 5 -14.15 -2.63 -3.80
CA THR C 5 -13.30 -1.43 -4.04
C THR C 5 -11.82 -1.79 -3.87
N ALA C 6 -11.46 -2.30 -2.74
CA ALA C 6 -10.02 -2.67 -2.52
C ALA C 6 -9.54 -3.60 -3.63
N SER C 7 -10.39 -4.46 -4.11
CA SER C 7 -9.98 -5.40 -5.20
C SER C 7 -9.77 -4.62 -6.51
N SER C 8 -10.49 -3.56 -6.70
CA SER C 8 -10.33 -2.76 -7.95
C SER C 8 -9.38 -1.58 -7.71
N LEU C 9 -9.21 -1.19 -6.48
CA LEU C 9 -8.30 -0.04 -6.18
C LEU C 9 -6.84 -0.44 -6.44
N VAL C 10 -6.44 -1.58 -5.94
CA VAL C 10 -5.03 -2.02 -6.16
C VAL C 10 -4.73 -2.10 -7.66
N LYS C 11 -5.66 -2.59 -8.44
CA LYS C 11 -5.43 -2.68 -9.91
C LYS C 11 -5.15 -1.29 -10.49
N ASN C 12 -5.84 -0.29 -10.01
CA ASN C 12 -5.62 1.08 -10.53
C ASN C 12 -4.24 1.60 -10.09
N ALA C 13 -3.70 1.05 -9.03
CA ALA C 13 -2.37 1.50 -8.55
C ALA C 13 -1.25 0.81 -9.35
N ILE C 14 -1.54 -0.31 -9.93
CA ILE C 14 -0.49 -1.03 -10.72
C ILE C 14 -0.50 -0.54 -12.17
N GLN C 15 -1.62 -0.58 -12.83
CA GLN C 15 -1.68 -0.12 -14.25
C GLN C 15 -1.18 1.33 -14.35
N LEU C 16 -1.28 2.07 -13.29
CA LEU C 16 -0.82 3.48 -13.32
C LEU C 16 0.71 3.55 -13.34
N SER C 17 1.37 2.47 -13.01
CA SER C 17 2.86 2.48 -13.00
C SER C 17 3.40 2.46 -14.44
N ILE C 18 3.04 1.47 -15.19
CA ILE C 18 3.53 1.40 -16.60
C ILE C 18 2.94 2.54 -17.43
N GLU C 19 1.85 3.10 -17.00
CA GLU C 19 1.22 4.22 -17.76
C GLU C 19 1.92 5.55 -17.41
N GLN C 20 2.58 5.60 -16.29
CA GLN C 20 3.28 6.87 -15.90
C GLN C 20 4.68 6.91 -16.52
N LEU C 21 5.31 5.78 -16.68
CA LEU C 21 6.67 5.76 -17.28
C LEU C 21 6.58 5.62 -18.80
N VAL C 22 5.64 4.86 -19.28
CA VAL C 22 5.50 4.68 -20.76
C VAL C 22 4.19 5.29 -21.25
N HIS A 1 18.86 -15.05 -8.46
CA HIS A 1 17.78 -15.36 -9.43
C HIS A 1 18.27 -15.12 -10.86
N MET A 2 17.44 -15.38 -11.84
CA MET A 2 17.86 -15.18 -13.26
C MET A 2 16.85 -14.26 -13.97
N GLY A 3 15.59 -14.46 -13.74
CA GLY A 3 14.56 -13.61 -14.41
C GLY A 3 14.21 -12.43 -13.50
N HIS A 4 14.64 -11.25 -13.87
CA HIS A 4 14.33 -10.06 -13.04
C HIS A 4 13.37 -9.13 -13.78
N ILE A 5 12.56 -9.66 -14.66
CA ILE A 5 11.60 -8.80 -15.40
C ILE A 5 10.16 -9.21 -15.08
N GLN A 6 9.86 -9.40 -13.83
CA GLN A 6 8.46 -9.80 -13.44
C GLN A 6 8.12 -9.23 -12.07
N ILE A 7 6.95 -8.67 -11.92
CA ILE A 7 6.55 -8.10 -10.61
C ILE A 7 6.17 -9.22 -9.64
N PRO A 8 6.59 -9.09 -8.40
CA PRO A 8 6.28 -10.12 -7.38
C PRO A 8 4.82 -10.05 -6.95
N PRO A 9 4.20 -11.19 -6.78
CA PRO A 9 2.77 -11.23 -6.37
C PRO A 9 2.64 -10.88 -4.88
N GLY A 10 1.45 -10.60 -4.43
CA GLY A 10 1.25 -10.25 -2.99
C GLY A 10 1.05 -8.74 -2.84
N LEU A 11 1.68 -7.97 -3.68
CA LEU A 11 1.53 -6.48 -3.57
C LEU A 11 0.05 -6.11 -3.60
N THR A 12 -0.67 -6.52 -4.61
CA THR A 12 -2.12 -6.18 -4.70
C THR A 12 -2.83 -6.60 -3.42
N GLU A 13 -2.75 -7.85 -3.06
CA GLU A 13 -3.44 -8.32 -1.82
C GLU A 13 -3.03 -7.46 -0.63
N LEU A 14 -1.78 -7.11 -0.53
CA LEU A 14 -1.33 -6.28 0.63
C LEU A 14 -1.76 -4.82 0.44
N LEU A 15 -1.92 -4.39 -0.77
CA LEU A 15 -2.35 -2.98 -1.03
C LEU A 15 -3.87 -2.88 -0.99
N GLN A 16 -4.55 -3.65 -1.79
CA GLN A 16 -6.05 -3.59 -1.80
C GLN A 16 -6.57 -3.74 -0.38
N GLY A 17 -5.95 -4.57 0.42
CA GLY A 17 -6.41 -4.75 1.82
C GLY A 17 -6.12 -3.47 2.61
N TYR A 18 -4.88 -3.04 2.61
CA TYR A 18 -4.52 -1.80 3.35
C TYR A 18 -5.48 -0.66 2.97
N THR A 19 -5.94 -0.67 1.74
CA THR A 19 -6.87 0.40 1.29
C THR A 19 -8.27 0.15 1.86
N VAL A 20 -8.64 -1.09 2.02
CA VAL A 20 -9.99 -1.40 2.57
C VAL A 20 -10.02 -1.21 4.09
N GLU A 21 -8.88 -1.20 4.73
CA GLU A 21 -8.86 -1.01 6.22
C GLU A 21 -8.90 0.48 6.53
N VAL A 22 -7.95 1.21 6.03
CA VAL A 22 -7.92 2.68 6.28
C VAL A 22 -9.27 3.30 5.92
N LEU A 23 -9.92 2.78 4.93
CA LEU A 23 -11.25 3.34 4.54
C LEU A 23 -12.32 2.86 5.53
N ARG A 24 -12.23 1.64 5.96
CA ARG A 24 -13.23 1.12 6.94
C ARG A 24 -13.12 1.86 8.26
N GLN A 25 -11.97 2.40 8.55
CA GLN A 25 -11.79 3.15 9.83
C GLN A 25 -10.86 4.35 9.62
N GLN A 26 -11.25 5.26 8.75
CA GLN A 26 -10.43 6.48 8.46
C GLN A 26 -9.70 6.99 9.71
N PRO A 27 -8.46 6.57 9.84
CA PRO A 27 -7.65 6.98 11.01
C PRO A 27 -7.21 8.45 10.88
N PRO A 28 -6.84 9.04 11.99
CA PRO A 28 -6.39 10.45 11.99
C PRO A 28 -5.04 10.57 11.27
N ASP A 29 -4.24 9.55 11.33
CA ASP A 29 -2.91 9.61 10.66
C ASP A 29 -2.56 8.25 10.04
N LEU A 30 -2.41 8.20 8.75
CA LEU A 30 -2.07 6.90 8.10
C LEU A 30 -0.59 6.57 8.32
N VAL A 31 0.22 7.57 8.55
CA VAL A 31 1.67 7.32 8.78
C VAL A 31 1.85 6.27 9.88
N ASP A 32 1.42 6.60 11.06
CA ASP A 32 1.56 5.64 12.20
C ASP A 32 0.79 4.34 11.88
N PHE A 33 -0.39 4.46 11.36
CA PHE A 33 -1.18 3.23 11.03
C PHE A 33 -0.39 2.38 10.02
N ALA A 34 0.17 3.01 9.03
CA ALA A 34 0.96 2.24 8.01
C ALA A 34 2.03 1.40 8.71
N VAL A 35 2.71 1.98 9.66
CA VAL A 35 3.77 1.23 10.39
C VAL A 35 3.13 0.20 11.32
N GLU A 36 2.16 0.60 12.10
CA GLU A 36 1.49 -0.34 13.03
C GLU A 36 0.81 -1.46 12.22
N TYR A 37 0.41 -1.16 11.01
CA TYR A 37 -0.27 -2.20 10.19
C TYR A 37 0.74 -3.26 9.72
N PHE A 38 1.59 -2.91 8.80
CA PHE A 38 2.59 -3.90 8.30
C PHE A 38 3.39 -4.49 9.47
N THR A 39 3.89 -3.65 10.34
CA THR A 39 4.66 -4.19 11.51
C THR A 39 3.86 -5.27 12.23
N ARG A 40 2.57 -5.12 12.27
CA ARG A 40 1.72 -6.15 12.96
C ARG A 40 1.59 -7.39 12.07
N LEU A 41 1.79 -7.23 10.79
CA LEU A 41 1.69 -8.41 9.87
C LEU A 41 2.80 -9.42 10.17
N ARG A 42 3.99 -8.95 10.43
CA ARG A 42 5.11 -9.87 10.73
C ARG A 42 4.76 -10.78 11.91
N GLU A 43 3.83 -10.36 12.74
CA GLU A 43 3.45 -11.20 13.91
C GLU A 43 2.44 -12.27 13.50
N ALA A 44 1.60 -11.97 12.54
CA ALA A 44 0.59 -12.98 12.11
C ALA A 44 1.19 -13.96 11.12
N ARG A 45 1.35 -13.55 9.88
CA ARG A 45 1.91 -14.46 8.86
C ARG A 45 3.34 -14.89 9.24
N ARG A 46 3.50 -16.07 9.76
CA ARG A 46 4.86 -16.53 10.16
C ARG A 46 5.53 -15.49 11.07
N HIS B 1 -29.81 5.14 8.83
CA HIS B 1 -28.79 4.60 7.87
C HIS B 1 -29.06 5.15 6.46
N MET B 2 -29.04 6.44 6.31
CA MET B 2 -29.28 7.04 4.96
C MET B 2 -28.31 6.44 3.93
N GLY B 3 -27.04 6.54 4.18
CA GLY B 3 -26.05 5.99 3.21
C GLY B 3 -24.63 6.32 3.68
N HIS B 4 -23.65 5.62 3.18
CA HIS B 4 -22.25 5.88 3.59
C HIS B 4 -21.38 6.21 2.37
N ILE B 5 -21.20 7.47 2.08
CA ILE B 5 -20.38 7.85 0.90
C ILE B 5 -19.30 8.86 1.31
N GLN B 6 -18.42 8.48 2.18
CA GLN B 6 -17.35 9.43 2.62
C GLN B 6 -15.97 8.79 2.40
N ILE B 7 -15.44 8.89 1.21
CA ILE B 7 -14.10 8.29 0.95
C ILE B 7 -13.06 9.40 0.79
N PRO B 8 -12.33 9.66 1.86
CA PRO B 8 -11.29 10.72 1.83
C PRO B 8 -10.07 10.26 1.02
N PRO B 9 -9.81 10.95 -0.06
CA PRO B 9 -8.66 10.59 -0.92
C PRO B 9 -7.34 10.97 -0.24
N GLY B 10 -6.23 10.78 -0.90
CA GLY B 10 -4.92 11.12 -0.29
C GLY B 10 -4.06 9.86 -0.16
N LEU B 11 -4.68 8.73 -0.06
CA LEU B 11 -3.90 7.46 0.07
C LEU B 11 -3.26 7.09 -1.26
N THR B 12 -3.83 7.55 -2.35
CA THR B 12 -3.25 7.22 -3.68
C THR B 12 -1.80 7.68 -3.77
N GLU B 13 -1.57 8.95 -3.58
CA GLU B 13 -0.17 9.47 -3.65
C GLU B 13 0.73 8.68 -2.69
N LEU B 14 0.27 8.44 -1.50
CA LEU B 14 1.10 7.69 -0.52
C LEU B 14 1.51 6.33 -1.10
N LEU B 15 0.55 5.53 -1.48
CA LEU B 15 0.87 4.20 -2.07
C LEU B 15 1.69 4.37 -3.36
N GLN B 16 1.39 5.37 -4.14
CA GLN B 16 2.15 5.60 -5.39
C GLN B 16 3.65 5.64 -5.11
N GLY B 17 4.06 6.44 -4.17
CA GLY B 17 5.52 6.52 -3.84
C GLY B 17 6.02 5.12 -3.47
N TYR B 18 5.35 4.46 -2.57
CA TYR B 18 5.79 3.09 -2.18
C TYR B 18 5.90 2.20 -3.42
N THR B 19 4.99 2.33 -4.34
CA THR B 19 5.05 1.49 -5.57
C THR B 19 6.31 1.80 -6.37
N VAL B 20 6.67 3.05 -6.48
CA VAL B 20 7.91 3.41 -7.24
C VAL B 20 9.15 2.83 -6.55
N GLU B 21 9.04 2.50 -5.29
CA GLU B 21 10.22 1.93 -4.56
C GLU B 21 10.19 0.41 -4.65
N VAL B 22 9.05 -0.15 -4.32
CA VAL B 22 8.92 -1.63 -4.37
C VAL B 22 9.20 -2.15 -5.79
N LEU B 23 8.95 -1.33 -6.78
CA LEU B 23 9.20 -1.76 -8.19
C LEU B 23 10.67 -1.49 -8.55
N ARG B 24 11.18 -0.35 -8.17
CA ARG B 24 12.60 -0.03 -8.49
C ARG B 24 13.54 -0.75 -7.52
N GLN B 25 13.47 -0.41 -6.26
CA GLN B 25 14.34 -1.07 -5.25
C GLN B 25 14.16 -2.60 -5.33
N GLN B 26 12.96 -3.05 -5.54
CA GLN B 26 12.73 -4.52 -5.62
C GLN B 26 13.30 -5.22 -4.38
N PRO B 27 12.81 -4.85 -3.22
CA PRO B 27 13.28 -5.46 -1.96
C PRO B 27 12.81 -6.91 -1.84
N PRO B 28 13.57 -7.71 -1.15
CA PRO B 28 13.20 -9.13 -0.96
C PRO B 28 11.99 -9.25 -0.02
N ASP B 29 11.88 -8.37 0.93
CA ASP B 29 10.72 -8.43 1.87
C ASP B 29 9.90 -7.15 1.77
N LEU B 30 8.66 -7.28 1.36
CA LEU B 30 7.79 -6.07 1.24
C LEU B 30 7.20 -5.71 2.61
N VAL B 31 6.69 -6.67 3.32
CA VAL B 31 6.12 -6.39 4.67
C VAL B 31 7.15 -5.65 5.52
N ASP B 32 8.33 -6.19 5.61
CA ASP B 32 9.39 -5.54 6.41
C ASP B 32 9.82 -4.23 5.75
N PHE B 33 9.84 -4.19 4.44
CA PHE B 33 10.24 -2.94 3.75
C PHE B 33 9.18 -1.86 4.00
N ALA B 34 7.92 -2.22 3.90
CA ALA B 34 6.84 -1.21 4.14
C ALA B 34 6.99 -0.63 5.54
N VAL B 35 7.38 -1.43 6.49
CA VAL B 35 7.55 -0.92 7.88
C VAL B 35 8.75 0.02 7.94
N GLU B 36 9.83 -0.34 7.33
CA GLU B 36 11.05 0.54 7.35
C GLU B 36 10.77 1.83 6.57
N TYR B 37 9.93 1.75 5.57
CA TYR B 37 9.62 2.97 4.76
C TYR B 37 8.71 3.90 5.56
N PHE B 38 7.52 3.47 5.87
CA PHE B 38 6.59 4.34 6.65
C PHE B 38 7.23 4.77 7.96
N THR B 39 7.78 3.85 8.70
CA THR B 39 8.44 4.21 10.00
C THR B 39 9.47 5.32 9.77
N ARG B 40 10.16 5.28 8.66
CA ARG B 40 11.18 6.33 8.38
C ARG B 40 10.48 7.64 8.03
N LEU B 41 9.28 7.58 7.53
CA LEU B 41 8.54 8.82 7.17
C LEU B 41 8.09 9.54 8.44
N ARG B 42 7.85 8.82 9.50
CA ARG B 42 7.40 9.46 10.77
C ARG B 42 8.60 10.12 11.45
N GLU B 43 9.79 9.67 11.17
CA GLU B 43 10.99 10.28 11.80
C GLU B 43 11.41 11.55 11.04
N ALA B 44 11.16 11.59 9.76
CA ALA B 44 11.54 12.80 8.97
C ALA B 44 10.47 13.87 9.10
N ARG B 45 9.36 13.68 8.44
CA ARG B 45 8.27 14.69 8.49
C ARG B 45 7.93 15.05 9.95
N ARG B 46 7.24 16.13 10.16
CA ARG B 46 6.89 16.52 11.56
C ARG B 46 6.07 15.42 12.23
N LEU C 1 -18.95 -0.50 0.35
CA LEU C 1 -18.68 -0.68 -1.11
C LEU C 1 -17.17 -0.71 -1.37
N LEU C 2 -16.52 0.42 -1.32
CA LEU C 2 -15.05 0.47 -1.56
C LEU C 2 -14.72 -0.20 -2.90
N ILE C 3 -15.67 -0.30 -3.78
CA ILE C 3 -15.40 -0.92 -5.11
C ILE C 3 -14.89 0.13 -6.11
N GLU C 4 -15.13 1.38 -5.84
CA GLU C 4 -14.66 2.45 -6.77
C GLU C 4 -13.34 3.06 -6.28
N THR C 5 -12.92 2.73 -5.09
CA THR C 5 -11.63 3.31 -4.58
C THR C 5 -10.58 2.21 -4.42
N ALA C 6 -10.88 1.16 -3.71
CA ALA C 6 -9.89 0.07 -3.53
C ALA C 6 -9.53 -0.56 -4.88
N SER C 7 -10.50 -1.04 -5.59
CA SER C 7 -10.21 -1.66 -6.92
C SER C 7 -9.68 -0.61 -7.89
N SER C 8 -10.01 0.63 -7.69
CA SER C 8 -9.52 1.69 -8.61
C SER C 8 -8.10 2.13 -8.22
N LEU C 9 -7.83 2.22 -6.95
CA LEU C 9 -6.46 2.64 -6.51
C LEU C 9 -5.42 1.64 -7.01
N VAL C 10 -5.57 0.38 -6.69
CA VAL C 10 -4.58 -0.63 -7.14
C VAL C 10 -4.48 -0.63 -8.67
N LYS C 11 -5.59 -0.47 -9.35
CA LYS C 11 -5.55 -0.46 -10.84
C LYS C 11 -4.56 0.60 -11.34
N ASN C 12 -4.75 1.84 -10.96
CA ASN C 12 -3.82 2.90 -11.42
C ASN C 12 -2.45 2.70 -10.78
N ALA C 13 -2.38 2.02 -9.67
CA ALA C 13 -1.07 1.78 -9.02
C ALA C 13 -0.21 0.84 -9.86
N ILE C 14 -0.79 -0.20 -10.39
CA ILE C 14 0.00 -1.14 -11.24
C ILE C 14 0.37 -0.47 -12.56
N GLN C 15 -0.42 0.48 -13.00
CA GLN C 15 -0.10 1.17 -14.28
C GLN C 15 1.30 1.80 -14.20
N LEU C 16 1.77 2.08 -13.01
CA LEU C 16 3.12 2.68 -12.88
C LEU C 16 4.16 1.76 -13.56
N SER C 17 3.83 0.52 -13.73
CA SER C 17 4.77 -0.43 -14.39
C SER C 17 4.68 -0.28 -15.91
N ILE C 18 4.83 0.92 -16.41
CA ILE C 18 4.75 1.19 -17.88
C ILE C 18 3.61 0.39 -18.54
N GLU C 19 2.58 0.07 -17.78
CA GLU C 19 1.41 -0.68 -18.35
C GLU C 19 1.83 -2.06 -18.86
N GLN C 20 2.54 -2.11 -19.95
CA GLN C 20 2.96 -3.42 -20.52
C GLN C 20 3.59 -4.32 -19.44
N LEU C 21 4.17 -3.73 -18.43
CA LEU C 21 4.79 -4.56 -17.35
C LEU C 21 3.76 -4.86 -16.27
N VAL C 22 2.64 -5.41 -16.63
CA VAL C 22 1.60 -5.74 -15.62
C VAL C 22 2.16 -6.73 -14.59
#